data_4ZT6
#
_entry.id   4ZT6
#
_cell.length_a   87.077
_cell.length_b   106.229
_cell.length_c   206.561
_cell.angle_alpha   90.00
_cell.angle_beta   90.00
_cell.angle_gamma   90.00
#
_symmetry.space_group_name_H-M   'P 21 21 21'
#
loop_
_entity.id
_entity.type
_entity.pdbx_description
1 polymer 'Methionyl-tRNA synthetase'
2 non-polymer METHIONINE
3 non-polymer 'DIMETHYL SULFOXIDE'
4 non-polymer "N-[(4R)-6,8-dichloro-3,4-dihydro-2H-chromen-4-yl]-N'-(5-fluoro-1H-imidazo[4,5-b]pyridin-2-yl)propane-1,3-diamine"
5 water water
#
_entity_poly.entity_id   1
_entity_poly.type   'polypeptide(L)'
_entity_poly.pdbx_seq_one_letter_code
;GPGSMKVEKVFFVTSPIYYVNAAPHIGHVYSTLITDVIGRYHRVKGERVFALTGTDEHGQKVAEAAKQKQVSPYDFTTAV
AGEFKKCFEQMDYSIDYFIRTTNEQHKAVVKELWTKLEQKGDIYLGRYEGWYSISDESFLTPQNITDGVDKDGNPCKVSL
ESGHVVTWVSEENYMFRLSAFRERLLEWYHANPGCIVPEFRRREVIRAVEKGLPDLSVSRARATLHNWAIPVPGNPDH
(CAS)VYVWLDALTNYLTGSRLRVDESGKEVSLVDDFNELERFPADVHVIGKDILKFHAIYWPAFLLSAGLPLPKKIVAH
GWWTKDRKKISKSLGNVFDPVEKAEEFGYDALKYFLLRESGFSDDGDYSDKNMIARLNGELADTLGNLVMRCTSAKINVN
GEWPSPAAYTEEDESLIQLIKDLPGTADHYYLIPDIQKAIIAVFDVLRAINAYVTDMAPWKLVKTDPERLRTVLYITLEG
VRVTTLLLSPILPRKSVVIFDMLGVPEVHRKGIENFEFGAVPPGTRLGPAVEGEVLFSKRSTENTKST
;
_entity_poly.pdbx_strand_id   A,B
#
# COMPACT_ATOMS: atom_id res chain seq x y z
N VAL A 7 25.34 -16.50 11.42
CA VAL A 7 26.70 -16.06 10.97
C VAL A 7 26.77 -14.54 10.73
N GLU A 8 27.38 -13.83 11.68
CA GLU A 8 27.82 -12.46 11.45
C GLU A 8 29.03 -12.53 10.49
N LYS A 9 28.80 -12.17 9.23
CA LYS A 9 29.84 -12.13 8.21
C LYS A 9 29.77 -10.82 7.42
N VAL A 10 30.76 -10.61 6.56
CA VAL A 10 30.74 -9.50 5.64
C VAL A 10 29.72 -9.79 4.55
N PHE A 11 28.75 -8.90 4.34
CA PHE A 11 27.77 -9.10 3.30
C PHE A 11 28.45 -8.97 1.95
N PHE A 12 28.33 -10.00 1.13
CA PHE A 12 29.10 -10.12 -0.11
C PHE A 12 28.16 -10.14 -1.30
N VAL A 13 28.21 -9.07 -2.11
CA VAL A 13 27.35 -8.93 -3.27
C VAL A 13 28.23 -8.68 -4.50
N THR A 14 27.86 -9.30 -5.61
CA THR A 14 28.67 -9.28 -6.84
C THR A 14 27.84 -8.92 -8.05
N SER A 15 28.51 -8.39 -9.07
CA SER A 15 27.94 -8.26 -10.40
C SER A 15 28.65 -9.28 -11.26
N PRO A 16 28.17 -9.52 -12.48
CA PRO A 16 28.98 -10.38 -13.34
C PRO A 16 30.24 -9.63 -13.69
N ILE A 17 31.26 -10.36 -14.13
CA ILE A 17 32.43 -9.70 -14.71
C ILE A 17 32.22 -9.66 -16.22
N TYR A 18 32.41 -8.49 -16.81
CA TYR A 18 31.94 -8.23 -18.17
C TYR A 18 32.99 -8.54 -19.21
N TYR A 19 32.55 -9.07 -20.36
CA TYR A 19 33.50 -9.34 -21.44
C TYR A 19 34.00 -8.01 -21.95
N VAL A 20 35.31 -7.93 -22.23
CA VAL A 20 35.92 -6.70 -22.73
C VAL A 20 36.07 -6.64 -24.24
N ASN A 21 35.27 -7.40 -24.97
CA ASN A 21 35.29 -7.29 -26.43
C ASN A 21 34.78 -5.95 -26.95
N ALA A 22 34.00 -5.28 -26.14
CA ALA A 22 33.33 -4.05 -26.54
C ALA A 22 33.25 -3.11 -25.36
N ALA A 23 32.85 -1.89 -25.70
CA ALA A 23 32.79 -0.80 -24.77
C ALA A 23 31.62 -0.97 -23.79
N PRO A 24 31.75 -0.41 -22.58
CA PRO A 24 30.65 -0.51 -21.63
C PRO A 24 29.39 0.13 -22.18
N HIS A 25 28.26 -0.53 -21.95
CA HIS A 25 26.96 -0.06 -22.39
C HIS A 25 25.95 -0.19 -21.24
N ILE A 26 24.69 0.10 -21.52
CA ILE A 26 23.63 0.10 -20.52
C ILE A 26 23.50 -1.24 -19.75
N GLY A 27 23.61 -2.35 -20.44
CA GLY A 27 23.57 -3.67 -19.79
C GLY A 27 24.51 -3.80 -18.61
N HIS A 28 25.76 -3.38 -18.80
CA HIS A 28 26.75 -3.50 -17.73
C HIS A 28 26.46 -2.50 -16.59
N VAL A 29 26.06 -1.29 -16.98
CA VAL A 29 25.72 -0.25 -16.01
C VAL A 29 24.55 -0.69 -15.12
N TYR A 30 23.55 -1.30 -15.75
CA TYR A 30 22.37 -1.79 -15.05
C TYR A 30 22.69 -2.87 -14.03
N SER A 31 23.44 -3.89 -14.45
CA SER A 31 23.80 -4.99 -13.54
C SER A 31 24.60 -4.48 -12.35
N THR A 32 25.58 -3.63 -12.63
CA THR A 32 26.42 -3.08 -11.58
C THR A 32 25.64 -2.11 -10.69
N LEU A 33 24.64 -1.43 -11.25
CA LEU A 33 23.77 -0.57 -10.44
C LEU A 33 23.02 -1.38 -9.37
N ILE A 34 22.43 -2.49 -9.80
CA ILE A 34 21.71 -3.37 -8.90
C ILE A 34 22.64 -3.84 -7.79
N THR A 35 23.85 -4.24 -8.18
CA THR A 35 24.85 -4.69 -7.23
C THR A 35 25.14 -3.58 -6.22
N ASP A 36 25.28 -2.37 -6.74
CA ASP A 36 25.63 -1.21 -5.92
C ASP A 36 24.53 -0.89 -4.91
N VAL A 37 23.30 -0.90 -5.38
CA VAL A 37 22.15 -0.62 -4.54
C VAL A 37 22.04 -1.62 -3.40
N ILE A 38 22.16 -2.91 -3.72
CA ILE A 38 22.09 -3.93 -2.69
C ILE A 38 23.18 -3.67 -1.66
N GLY A 39 24.40 -3.42 -2.11
CA GLY A 39 25.50 -3.09 -1.22
C GLY A 39 25.24 -1.87 -0.35
N ARG A 40 24.71 -0.80 -0.95
CA ARG A 40 24.41 0.41 -0.21
C ARG A 40 23.36 0.17 0.85
N TYR A 41 22.29 -0.56 0.51
CA TYR A 41 21.25 -0.84 1.51
C TYR A 41 21.85 -1.58 2.72
N HIS A 42 22.70 -2.57 2.48
CA HIS A 42 23.29 -3.28 3.63
C HIS A 42 24.27 -2.41 4.43
N ARG A 43 24.92 -1.45 3.78
CA ARG A 43 25.77 -0.50 4.50
C ARG A 43 24.92 0.46 5.33
N VAL A 44 23.78 0.94 4.79
CA VAL A 44 22.93 1.86 5.59
C VAL A 44 22.31 1.09 6.76
N LYS A 45 22.10 -0.21 6.57
CA LYS A 45 21.61 -1.09 7.62
C LYS A 45 22.66 -1.28 8.73
N GLY A 46 23.92 -0.91 8.47
CA GLY A 46 24.99 -0.94 9.46
C GLY A 46 25.88 -2.18 9.37
N GLU A 47 25.74 -2.95 8.29
CA GLU A 47 26.51 -4.19 8.13
C GLU A 47 27.84 -3.94 7.44
N ARG A 48 28.80 -4.83 7.66
CA ARG A 48 30.00 -4.85 6.84
C ARG A 48 29.61 -5.33 5.46
N VAL A 49 30.18 -4.72 4.43
CA VAL A 49 29.84 -5.04 3.05
C VAL A 49 31.08 -5.12 2.17
N PHE A 50 31.05 -6.06 1.22
CA PHE A 50 32.04 -6.11 0.15
C PHE A 50 31.30 -6.31 -1.17
N ALA A 51 31.33 -5.28 -2.02
CA ALA A 51 30.66 -5.32 -3.30
C ALA A 51 31.72 -5.41 -4.39
N LEU A 52 31.50 -6.31 -5.33
CA LEU A 52 32.49 -6.71 -6.31
C LEU A 52 31.93 -6.56 -7.69
N THR A 53 32.71 -5.97 -8.59
CA THR A 53 32.42 -5.98 -10.04
C THR A 53 33.75 -6.12 -10.76
N GLY A 54 33.72 -6.23 -12.09
CA GLY A 54 34.97 -6.29 -12.86
C GLY A 54 34.85 -6.79 -14.30
N THR A 55 35.96 -7.29 -14.85
CA THR A 55 36.01 -7.63 -16.27
C THR A 55 36.56 -9.03 -16.56
N ASP A 56 35.96 -9.66 -17.56
CA ASP A 56 36.26 -11.02 -18.00
C ASP A 56 37.15 -10.86 -19.24
N GLU A 57 38.44 -11.18 -19.10
CA GLU A 57 39.44 -10.70 -20.05
C GLU A 57 40.06 -11.75 -20.98
N HIS A 58 39.94 -13.03 -20.63
CA HIS A 58 40.49 -14.10 -21.45
C HIS A 58 39.46 -14.62 -22.44
N GLY A 59 39.90 -15.56 -23.27
CA GLY A 59 39.01 -16.29 -24.17
C GLY A 59 39.11 -15.91 -25.63
N GLN A 60 38.57 -16.80 -26.45
CA GLN A 60 38.53 -16.66 -27.89
C GLN A 60 37.86 -15.33 -28.32
N LYS A 61 36.67 -15.07 -27.79
CA LYS A 61 35.89 -13.83 -28.01
C LYS A 61 36.72 -12.53 -27.90
N VAL A 62 37.35 -12.35 -26.75
CA VAL A 62 38.21 -11.18 -26.53
C VAL A 62 39.38 -11.12 -27.50
N ALA A 63 40.12 -12.22 -27.62
CA ALA A 63 41.31 -12.25 -28.48
C ALA A 63 40.99 -11.96 -29.95
N GLU A 64 39.82 -12.40 -30.42
CA GLU A 64 39.38 -12.07 -31.78
C GLU A 64 38.99 -10.60 -31.90
N ALA A 65 38.37 -10.05 -30.87
CA ALA A 65 38.09 -8.61 -30.81
C ALA A 65 39.38 -7.78 -30.91
N ALA A 66 40.37 -8.13 -30.09
CA ALA A 66 41.73 -7.54 -30.16
C ALA A 66 42.29 -7.61 -31.58
N LYS A 67 42.23 -8.78 -32.18
CA LYS A 67 42.74 -9.00 -33.54
C LYS A 67 42.04 -8.09 -34.57
N GLN A 68 40.73 -7.93 -34.42
CA GLN A 68 39.96 -7.04 -35.29
C GLN A 68 40.43 -5.59 -35.18
N LYS A 69 40.68 -5.14 -33.96
CA LYS A 69 41.23 -3.79 -33.73
C LYS A 69 42.75 -3.72 -34.01
N GLN A 70 43.36 -4.84 -34.37
CA GLN A 70 44.79 -4.90 -34.72
C GLN A 70 45.69 -4.42 -33.58
N VAL A 71 45.40 -4.90 -32.37
CA VAL A 71 46.19 -4.57 -31.18
C VAL A 71 46.40 -5.85 -30.35
N SER A 72 47.43 -5.88 -29.50
CA SER A 72 47.70 -7.07 -28.68
C SER A 72 46.57 -7.27 -27.68
N PRO A 73 46.25 -8.54 -27.36
CA PRO A 73 45.21 -8.78 -26.35
C PRO A 73 45.50 -8.07 -25.03
N TYR A 74 46.75 -8.05 -24.62
CA TYR A 74 47.16 -7.38 -23.38
C TYR A 74 46.80 -5.89 -23.43
N ASP A 75 47.17 -5.23 -24.52
CA ASP A 75 46.90 -3.78 -24.67
C ASP A 75 45.41 -3.53 -24.76
N PHE A 76 44.72 -4.35 -25.53
CA PHE A 76 43.30 -4.21 -25.75
C PHE A 76 42.52 -4.33 -24.44
N THR A 77 42.79 -5.40 -23.68
CA THR A 77 42.08 -5.64 -22.43
C THR A 77 42.37 -4.56 -21.40
N THR A 78 43.62 -4.11 -21.32
CA THR A 78 43.94 -3.06 -20.35
C THR A 78 43.21 -1.74 -20.69
N ALA A 79 43.13 -1.43 -21.98
CA ALA A 79 42.39 -0.24 -22.43
C ALA A 79 40.90 -0.33 -22.11
N VAL A 80 40.26 -1.43 -22.49
CA VAL A 80 38.82 -1.57 -22.31
C VAL A 80 38.45 -1.67 -20.83
N ALA A 81 39.26 -2.37 -20.05
CA ALA A 81 39.09 -2.37 -18.60
C ALA A 81 39.10 -0.94 -18.07
N GLY A 82 40.04 -0.14 -18.56
CA GLY A 82 40.10 1.29 -18.24
C GLY A 82 38.80 2.02 -18.54
N GLU A 83 38.19 1.73 -19.69
CA GLU A 83 36.89 2.30 -20.03
C GLU A 83 35.78 1.88 -19.06
N PHE A 84 35.78 0.61 -18.64
CA PHE A 84 34.80 0.13 -17.67
C PHE A 84 34.97 0.85 -16.34
N LYS A 85 36.20 0.93 -15.86
CA LYS A 85 36.48 1.62 -14.61
C LYS A 85 36.01 3.06 -14.65
N LYS A 86 36.32 3.76 -15.74
CA LYS A 86 35.94 5.17 -15.87
C LYS A 86 34.42 5.29 -15.86
N CYS A 87 33.75 4.43 -16.63
CA CYS A 87 32.30 4.40 -16.68
C CYS A 87 31.65 4.26 -15.29
N PHE A 88 32.17 3.35 -14.48
CA PHE A 88 31.62 3.10 -13.15
C PHE A 88 31.97 4.22 -12.16
N GLU A 89 33.11 4.86 -12.35
CA GLU A 89 33.43 6.06 -11.59
C GLU A 89 32.44 7.17 -11.94
N GLN A 90 32.22 7.37 -13.24
CA GLN A 90 31.29 8.39 -13.71
C GLN A 90 29.88 8.17 -13.18
N MET A 91 29.47 6.91 -13.14
CA MET A 91 28.14 6.55 -12.66
C MET A 91 27.99 6.67 -11.14
N ASP A 92 29.09 6.95 -10.44
CA ASP A 92 29.04 7.24 -9.01
C ASP A 92 28.56 6.04 -8.18
N TYR A 93 29.10 4.88 -8.50
CA TYR A 93 28.85 3.68 -7.71
C TYR A 93 29.72 3.66 -6.47
N SER A 94 29.50 2.71 -5.59
CA SER A 94 30.33 2.52 -4.42
C SER A 94 30.68 1.05 -4.30
N ILE A 95 31.40 0.58 -5.31
CA ILE A 95 31.84 -0.79 -5.40
C ILE A 95 33.18 -0.88 -4.72
N ASP A 96 33.35 -1.91 -3.91
CA ASP A 96 34.55 -2.02 -3.08
C ASP A 96 35.79 -2.47 -3.85
N TYR A 97 35.63 -3.26 -4.89
CA TYR A 97 36.75 -3.72 -5.70
C TYR A 97 36.39 -4.04 -7.15
N PHE A 98 37.32 -3.74 -8.05
CA PHE A 98 37.17 -4.00 -9.48
C PHE A 98 38.18 -5.08 -9.89
N ILE A 99 37.69 -6.28 -10.15
CA ILE A 99 38.58 -7.42 -10.42
C ILE A 99 38.77 -7.63 -11.93
N ARG A 100 39.98 -7.98 -12.33
CA ARG A 100 40.31 -8.29 -13.72
C ARG A 100 40.87 -9.71 -13.76
N THR A 101 40.38 -10.54 -14.68
CA THR A 101 40.82 -11.94 -14.71
C THR A 101 42.27 -12.11 -15.19
N THR A 102 42.88 -11.06 -15.74
CA THR A 102 44.31 -11.08 -16.04
C THR A 102 45.17 -10.92 -14.79
N ASN A 103 44.54 -10.57 -13.66
CA ASN A 103 45.27 -10.41 -12.41
C ASN A 103 45.95 -11.73 -12.03
N GLU A 104 47.22 -11.63 -11.65
CA GLU A 104 48.02 -12.78 -11.29
C GLU A 104 47.45 -13.56 -10.09
N GLN A 105 46.89 -12.85 -9.12
CA GLN A 105 46.29 -13.49 -7.95
C GLN A 105 45.07 -14.32 -8.35
N HIS A 106 44.23 -13.77 -9.22
CA HIS A 106 43.11 -14.53 -9.77
C HIS A 106 43.54 -15.83 -10.45
N LYS A 107 44.58 -15.75 -11.27
CA LYS A 107 45.09 -16.92 -11.96
C LYS A 107 45.52 -18.01 -11.00
N ALA A 108 46.15 -17.60 -9.89
CA ALA A 108 46.59 -18.53 -8.83
C ALA A 108 45.40 -19.26 -8.24
N VAL A 109 44.32 -18.52 -8.04
CA VAL A 109 43.10 -19.09 -7.47
C VAL A 109 42.46 -20.06 -8.47
N VAL A 110 42.42 -19.66 -9.75
CA VAL A 110 41.90 -20.55 -10.76
C VAL A 110 42.67 -21.90 -10.74
N LYS A 111 43.99 -21.82 -10.67
CA LYS A 111 44.84 -23.01 -10.63
C LYS A 111 44.54 -23.89 -9.40
N GLU A 112 44.41 -23.26 -8.23
CA GLU A 112 44.04 -23.97 -7.00
C GLU A 112 42.71 -24.69 -7.15
N LEU A 113 41.72 -24.00 -7.68
CA LEU A 113 40.39 -24.58 -7.81
C LEU A 113 40.43 -25.74 -8.80
N TRP A 114 41.03 -25.51 -9.97
CA TRP A 114 41.19 -26.59 -10.93
C TRP A 114 41.79 -27.84 -10.28
N THR A 115 42.89 -27.65 -9.56
CA THR A 115 43.63 -28.76 -8.96
C THR A 115 42.81 -29.48 -7.91
N LYS A 116 42.02 -28.73 -7.15
CA LYS A 116 41.09 -29.31 -6.19
C LYS A 116 40.07 -30.19 -6.92
N LEU A 117 39.47 -29.67 -7.99
CA LEU A 117 38.50 -30.46 -8.76
C LEU A 117 39.13 -31.74 -9.31
N GLU A 118 40.37 -31.64 -9.77
CA GLU A 118 41.04 -32.77 -10.38
C GLU A 118 41.34 -33.83 -9.32
N GLN A 119 41.84 -33.40 -8.16
CA GLN A 119 42.15 -34.31 -7.04
C GLN A 119 40.89 -35.01 -6.51
N LYS A 120 39.77 -34.31 -6.54
CA LYS A 120 38.47 -34.85 -6.16
C LYS A 120 37.97 -35.93 -7.12
N GLY A 121 38.60 -36.03 -8.30
CA GLY A 121 38.22 -37.04 -9.29
C GLY A 121 37.16 -36.57 -10.28
N ASP A 122 36.87 -35.27 -10.28
CA ASP A 122 35.76 -34.70 -11.04
C ASP A 122 36.21 -34.09 -12.37
N ILE A 123 37.53 -34.05 -12.61
CA ILE A 123 38.06 -33.73 -13.95
C ILE A 123 38.78 -34.94 -14.66
N TYR A 124 38.31 -35.33 -15.85
CA TYR A 124 38.93 -36.38 -16.69
C TYR A 124 39.17 -35.89 -18.14
N LEU A 125 40.07 -36.57 -18.85
CA LEU A 125 40.39 -36.22 -20.23
C LEU A 125 39.38 -36.89 -21.16
N GLY A 126 38.67 -36.08 -21.96
CA GLY A 126 37.65 -36.60 -22.88
C GLY A 126 37.61 -35.83 -24.19
N ARG A 127 36.46 -35.82 -24.85
CA ARG A 127 36.25 -35.04 -26.08
C ARG A 127 34.91 -34.32 -25.98
N TYR A 128 34.87 -33.08 -26.46
CA TYR A 128 33.63 -32.45 -26.84
C TYR A 128 33.55 -32.42 -28.36
N GLU A 129 32.45 -32.97 -28.86
CA GLU A 129 32.10 -32.85 -30.26
C GLU A 129 30.70 -32.28 -30.31
N GLY A 130 30.57 -31.00 -30.71
CA GLY A 130 29.29 -30.34 -30.71
C GLY A 130 29.33 -28.85 -31.05
N TRP A 131 28.18 -28.21 -30.95
CA TRP A 131 28.09 -26.80 -31.29
C TRP A 131 28.62 -25.90 -30.19
N TYR A 132 29.09 -24.72 -30.59
CA TYR A 132 29.66 -23.77 -29.65
C TYR A 132 29.42 -22.34 -30.13
N SER A 133 28.88 -21.51 -29.25
CA SER A 133 28.74 -20.07 -29.51
C SER A 133 29.94 -19.35 -28.92
N ILE A 134 30.81 -18.83 -29.79
CA ILE A 134 32.01 -18.10 -29.35
C ILE A 134 31.63 -16.80 -28.66
N SER A 135 30.56 -16.15 -29.14
CA SER A 135 30.09 -14.89 -28.58
C SER A 135 29.52 -15.04 -27.15
N ASP A 136 28.96 -16.21 -26.83
CA ASP A 136 28.45 -16.50 -25.49
C ASP A 136 29.37 -17.43 -24.70
N GLU A 137 30.48 -17.83 -25.31
CA GLU A 137 31.41 -18.83 -24.75
C GLU A 137 30.62 -20.01 -24.18
N SER A 138 29.64 -20.45 -24.96
CA SER A 138 28.63 -21.41 -24.51
C SER A 138 28.54 -22.63 -25.41
N PHE A 139 28.57 -23.81 -24.78
CA PHE A 139 28.33 -25.07 -25.46
C PHE A 139 26.84 -25.24 -25.63
N LEU A 140 26.43 -25.70 -26.81
CA LEU A 140 25.02 -25.84 -27.13
C LEU A 140 24.74 -27.19 -27.74
N THR A 141 23.59 -27.77 -27.41
CA THR A 141 23.14 -29.01 -28.02
C THR A 141 22.45 -28.70 -29.35
N PRO A 142 22.24 -29.73 -30.19
CA PRO A 142 21.58 -29.50 -31.49
C PRO A 142 20.16 -28.91 -31.41
N GLN A 143 19.49 -29.11 -30.28
CA GLN A 143 18.15 -28.58 -30.07
C GLN A 143 18.16 -27.08 -29.74
N ASN A 144 19.34 -26.55 -29.39
CA ASN A 144 19.52 -25.13 -29.13
C ASN A 144 20.12 -24.32 -30.27
N ILE A 145 20.17 -24.91 -31.47
CA ILE A 145 20.61 -24.18 -32.65
C ILE A 145 19.50 -24.16 -33.69
N THR A 146 19.65 -23.27 -34.66
CA THR A 146 18.77 -23.28 -35.81
C THR A 146 19.41 -22.49 -36.94
N ASP A 147 18.70 -22.40 -38.06
CA ASP A 147 19.25 -21.75 -39.25
C ASP A 147 19.18 -20.24 -39.15
N GLY A 148 20.15 -19.58 -39.80
CA GLY A 148 20.24 -18.12 -39.81
C GLY A 148 21.33 -17.60 -40.73
N VAL A 149 21.81 -16.39 -40.45
CA VAL A 149 22.80 -15.74 -41.29
C VAL A 149 23.88 -14.99 -40.51
N ASP A 150 24.99 -14.74 -41.20
CA ASP A 150 26.22 -14.19 -40.60
C ASP A 150 26.54 -12.81 -41.19
N LYS A 151 27.72 -12.28 -40.89
CA LYS A 151 28.17 -10.98 -41.42
C LYS A 151 28.01 -10.86 -42.94
N ASP A 152 28.33 -11.93 -43.66
CA ASP A 152 28.18 -11.98 -45.13
C ASP A 152 26.71 -12.06 -45.59
N GLY A 153 25.88 -12.77 -44.81
CA GLY A 153 24.53 -13.11 -45.21
C GLY A 153 24.46 -14.51 -45.81
N ASN A 154 25.47 -15.33 -45.53
CA ASN A 154 25.46 -16.74 -45.93
C ASN A 154 24.63 -17.58 -44.95
N PRO A 155 24.10 -18.73 -45.42
CA PRO A 155 23.36 -19.61 -44.54
C PRO A 155 24.30 -20.25 -43.52
N CYS A 156 24.07 -19.97 -42.25
CA CYS A 156 24.88 -20.54 -41.18
C CYS A 156 23.95 -21.13 -40.12
N LYS A 157 24.53 -21.57 -39.01
CA LYS A 157 23.77 -21.90 -37.82
C LYS A 157 23.92 -20.81 -36.78
N VAL A 158 22.86 -20.60 -36.01
CA VAL A 158 22.88 -19.62 -34.91
C VAL A 158 22.28 -20.21 -33.64
N SER A 159 22.61 -19.59 -32.51
CA SER A 159 22.04 -19.96 -31.21
C SER A 159 20.57 -19.57 -31.11
N LEU A 160 19.74 -20.49 -30.62
CA LEU A 160 18.33 -20.18 -30.35
C LEU A 160 18.21 -19.15 -29.24
N GLU A 161 19.10 -19.25 -28.26
CA GLU A 161 19.10 -18.37 -27.11
C GLU A 161 19.44 -16.92 -27.51
N SER A 162 20.62 -16.74 -28.10
CA SER A 162 21.20 -15.40 -28.29
C SER A 162 21.17 -14.88 -29.72
N GLY A 163 21.03 -15.77 -30.70
CA GLY A 163 21.06 -15.39 -32.12
C GLY A 163 22.46 -15.30 -32.72
N HIS A 164 23.50 -15.55 -31.93
CA HIS A 164 24.87 -15.47 -32.40
C HIS A 164 25.25 -16.71 -33.20
N VAL A 165 26.20 -16.56 -34.10
CA VAL A 165 26.64 -17.65 -34.95
C VAL A 165 27.29 -18.75 -34.14
N VAL A 166 26.94 -20.01 -34.43
CA VAL A 166 27.56 -21.16 -33.78
C VAL A 166 28.47 -21.90 -34.74
N THR A 167 29.42 -22.65 -34.18
CA THR A 167 30.39 -23.41 -34.94
C THR A 167 30.56 -24.79 -34.32
N TRP A 168 30.87 -25.78 -35.16
CA TRP A 168 31.07 -27.14 -34.69
C TRP A 168 32.51 -27.30 -34.22
N VAL A 169 32.66 -27.78 -33.00
CA VAL A 169 33.95 -28.00 -32.39
C VAL A 169 34.15 -29.50 -32.19
N SER A 170 35.34 -30.00 -32.55
CA SER A 170 35.73 -31.38 -32.21
C SER A 170 37.15 -31.36 -31.69
N GLU A 171 37.30 -31.41 -30.37
CA GLU A 171 38.59 -31.32 -29.70
C GLU A 171 38.63 -32.24 -28.51
N GLU A 172 39.81 -32.77 -28.24
CA GLU A 172 40.11 -33.44 -26.99
C GLU A 172 40.19 -32.39 -25.88
N ASN A 173 39.39 -32.55 -24.83
CA ASN A 173 39.15 -31.51 -23.83
C ASN A 173 39.12 -32.19 -22.44
N TYR A 174 39.67 -31.52 -21.42
CA TYR A 174 39.37 -31.89 -20.05
C TYR A 174 37.91 -31.66 -19.82
N MET A 175 37.27 -32.63 -19.19
CA MET A 175 35.85 -32.61 -18.96
C MET A 175 35.58 -32.66 -17.47
N PHE A 176 34.66 -31.81 -17.01
CA PHE A 176 34.20 -31.81 -15.62
C PHE A 176 32.94 -32.66 -15.54
N ARG A 177 32.87 -33.54 -14.53
CA ARG A 177 31.78 -34.51 -14.43
C ARG A 177 30.47 -33.91 -13.94
N LEU A 178 29.94 -32.95 -14.70
CA LEU A 178 28.73 -32.24 -14.28
C LEU A 178 27.56 -33.19 -14.06
N SER A 179 27.48 -34.23 -14.90
CA SER A 179 26.38 -35.19 -14.83
C SER A 179 26.21 -35.77 -13.46
N ALA A 180 27.32 -35.93 -12.73
CA ALA A 180 27.29 -36.54 -11.41
C ALA A 180 26.70 -35.63 -10.34
N PHE A 181 26.39 -34.38 -10.70
CA PHE A 181 25.94 -33.40 -9.73
C PHE A 181 24.45 -33.10 -9.78
N ARG A 182 23.72 -33.76 -10.68
CA ARG A 182 22.30 -33.57 -10.85
C ARG A 182 21.49 -33.66 -9.55
N GLU A 183 21.62 -34.76 -8.82
CA GLU A 183 20.85 -34.96 -7.60
C GLU A 183 21.17 -33.91 -6.53
N ARG A 184 22.46 -33.66 -6.32
CA ARG A 184 22.88 -32.70 -5.32
C ARG A 184 22.41 -31.29 -5.66
N LEU A 185 22.43 -30.91 -6.93
CA LEU A 185 21.93 -29.59 -7.33
C LEU A 185 20.43 -29.49 -7.07
N LEU A 186 19.67 -30.53 -7.45
CA LEU A 186 18.24 -30.55 -7.19
C LEU A 186 17.96 -30.48 -5.68
N GLU A 187 18.69 -31.24 -4.87
CA GLU A 187 18.59 -31.13 -3.42
C GLU A 187 18.76 -29.68 -2.95
N TRP A 188 19.77 -29.01 -3.50
CA TRP A 188 20.07 -27.64 -3.12
C TRP A 188 18.94 -26.65 -3.49
N TYR A 189 18.45 -26.75 -4.73
CA TYR A 189 17.35 -25.89 -5.17
C TYR A 189 16.14 -26.06 -4.26
N HIS A 190 15.81 -27.30 -3.91
CA HIS A 190 14.60 -27.59 -3.14
C HIS A 190 14.73 -27.26 -1.67
N ALA A 191 15.92 -27.38 -1.11
CA ALA A 191 16.13 -27.03 0.30
C ALA A 191 16.24 -25.52 0.46
N ASN A 192 16.50 -24.80 -0.62
CA ASN A 192 16.70 -23.37 -0.56
C ASN A 192 15.84 -22.70 -1.64
N PRO A 193 14.54 -22.72 -1.45
CA PRO A 193 13.63 -22.32 -2.51
C PRO A 193 13.60 -20.81 -2.79
N GLY A 194 14.41 -20.05 -2.05
CA GLY A 194 14.67 -18.66 -2.40
C GLY A 194 16.03 -18.39 -3.01
N CYS A 195 16.78 -19.44 -3.35
CA CYS A 195 18.16 -19.26 -3.80
C CYS A 195 18.30 -18.72 -5.23
N ILE A 196 17.23 -18.82 -6.03
CA ILE A 196 17.20 -18.20 -7.35
C ILE A 196 15.95 -17.33 -7.49
N VAL A 197 16.15 -16.13 -8.02
CA VAL A 197 15.12 -15.11 -8.11
C VAL A 197 15.22 -14.45 -9.48
N PRO A 198 14.11 -14.19 -10.16
CA PRO A 198 12.76 -14.42 -9.66
C PRO A 198 12.35 -15.86 -9.82
N GLU A 199 11.19 -16.19 -9.27
CA GLU A 199 10.76 -17.55 -9.08
C GLU A 199 10.65 -18.33 -10.38
N PHE A 200 10.13 -17.71 -11.45
CA PHE A 200 9.96 -18.45 -12.69
C PHE A 200 11.31 -18.87 -13.29
N ARG A 201 12.38 -18.13 -12.97
CA ARG A 201 13.73 -18.49 -13.43
C ARG A 201 14.26 -19.63 -12.62
N ARG A 202 13.93 -19.66 -11.32
CA ARG A 202 14.25 -20.80 -10.51
C ARG A 202 13.59 -22.06 -11.08
N ARG A 203 12.32 -21.98 -11.45
CA ARG A 203 11.62 -23.12 -12.04
C ARG A 203 12.30 -23.59 -13.34
N GLU A 204 12.69 -22.65 -14.19
CA GLU A 204 13.43 -22.98 -15.42
C GLU A 204 14.69 -23.81 -15.13
N VAL A 205 15.46 -23.40 -14.13
CA VAL A 205 16.71 -24.08 -13.80
C VAL A 205 16.44 -25.51 -13.34
N ILE A 206 15.49 -25.66 -12.43
CA ILE A 206 15.12 -26.97 -11.91
C ILE A 206 14.66 -27.87 -13.05
N ARG A 207 13.82 -27.35 -13.93
CA ARG A 207 13.34 -28.10 -15.10
C ARG A 207 14.52 -28.63 -15.89
N ALA A 208 15.49 -27.77 -16.18
CA ALA A 208 16.65 -28.13 -17.00
C ALA A 208 17.48 -29.22 -16.33
N VAL A 209 17.73 -29.09 -15.05
CA VAL A 209 18.53 -30.09 -14.33
C VAL A 209 17.79 -31.42 -14.20
N GLU A 210 16.47 -31.37 -14.00
CA GLU A 210 15.66 -32.59 -13.96
C GLU A 210 15.84 -33.44 -15.22
N LYS A 211 15.86 -32.80 -16.38
CA LYS A 211 16.02 -33.49 -17.67
C LYS A 211 17.33 -34.26 -17.76
N GLY A 212 18.34 -33.78 -17.04
CA GLY A 212 19.62 -34.46 -16.98
C GLY A 212 20.71 -33.50 -17.40
N LEU A 213 21.94 -33.81 -16.99
CA LEU A 213 23.06 -32.94 -17.26
C LEU A 213 24.16 -33.71 -17.98
N PRO A 214 24.69 -33.13 -19.05
CA PRO A 214 25.89 -33.68 -19.66
C PRO A 214 27.15 -33.21 -18.91
N ASP A 215 28.26 -33.90 -19.10
CA ASP A 215 29.53 -33.42 -18.59
C ASP A 215 29.93 -32.17 -19.38
N LEU A 216 30.82 -31.38 -18.80
CA LEU A 216 31.10 -30.04 -19.31
C LEU A 216 32.57 -29.90 -19.64
N SER A 217 32.84 -29.45 -20.85
CA SER A 217 34.20 -29.18 -21.24
C SER A 217 34.74 -27.98 -20.48
N VAL A 218 35.82 -28.19 -19.74
CA VAL A 218 36.46 -27.13 -18.95
C VAL A 218 37.86 -26.76 -19.44
N SER A 219 38.30 -27.32 -20.57
CA SER A 219 39.50 -26.85 -21.24
C SER A 219 39.29 -26.78 -22.73
N ARG A 220 40.17 -26.05 -23.40
CA ARG A 220 40.22 -26.02 -24.86
C ARG A 220 41.67 -26.08 -25.29
N ALA A 221 41.92 -26.61 -26.49
CA ALA A 221 43.27 -26.59 -27.07
C ALA A 221 43.74 -25.14 -27.16
N ARG A 222 45.01 -24.90 -26.86
CA ARG A 222 45.52 -23.54 -26.76
C ARG A 222 45.40 -22.73 -28.06
N ALA A 223 45.65 -23.38 -29.20
CA ALA A 223 45.53 -22.71 -30.51
C ALA A 223 44.14 -22.13 -30.72
N THR A 224 43.11 -22.87 -30.32
CA THR A 224 41.74 -22.43 -30.48
C THR A 224 41.49 -21.07 -29.83
N LEU A 225 42.10 -20.86 -28.66
CA LEU A 225 41.90 -19.63 -27.89
C LEU A 225 42.99 -18.59 -28.15
N HIS A 226 43.78 -18.82 -29.20
CA HIS A 226 44.86 -17.89 -29.55
C HIS A 226 45.78 -17.68 -28.34
N ASN A 227 45.95 -18.72 -27.54
CA ASN A 227 46.78 -18.70 -26.35
C ASN A 227 46.45 -17.58 -25.35
N TRP A 228 45.21 -17.09 -25.39
CA TRP A 228 44.79 -15.99 -24.52
C TRP A 228 43.87 -16.51 -23.40
N ALA A 229 44.50 -17.16 -22.41
CA ALA A 229 43.79 -17.91 -21.38
C ALA A 229 44.76 -18.46 -20.33
N ILE A 230 44.20 -19.03 -19.27
CA ILE A 230 45.00 -19.57 -18.19
C ILE A 230 45.39 -21.03 -18.51
N PRO A 231 46.68 -21.36 -18.46
CA PRO A 231 47.08 -22.74 -18.74
C PRO A 231 46.56 -23.73 -17.71
N VAL A 232 46.20 -24.91 -18.18
CA VAL A 232 45.79 -25.98 -17.29
C VAL A 232 47.01 -26.47 -16.52
N PRO A 233 46.92 -26.49 -15.17
CA PRO A 233 48.02 -26.99 -14.34
C PRO A 233 48.48 -28.39 -14.75
N GLY A 234 49.76 -28.53 -15.08
CA GLY A 234 50.30 -29.81 -15.51
C GLY A 234 50.03 -30.16 -16.97
N ASN A 235 49.46 -29.25 -17.75
CA ASN A 235 49.27 -29.50 -19.19
C ASN A 235 49.20 -28.21 -20.03
N PRO A 236 50.36 -27.68 -20.43
CA PRO A 236 50.46 -26.42 -21.18
C PRO A 236 49.77 -26.42 -22.54
N ASP A 237 49.41 -27.59 -23.07
CA ASP A 237 48.68 -27.66 -24.34
C ASP A 237 47.20 -27.30 -24.23
N HIS A 238 46.71 -27.20 -22.99
CA HIS A 238 45.31 -26.90 -22.75
C HIS A 238 45.17 -25.62 -21.93
N VAL A 240 42.28 -23.19 -19.56
CA VAL A 240 41.08 -23.27 -18.75
C VAL A 240 39.93 -22.54 -19.46
N TYR A 241 38.79 -23.22 -19.56
CA TYR A 241 37.52 -22.68 -20.05
C TYR A 241 37.30 -21.31 -19.47
N VAL A 242 36.99 -20.35 -20.34
CA VAL A 242 36.82 -18.98 -19.91
C VAL A 242 35.79 -18.84 -18.77
N TRP A 243 34.71 -19.61 -18.82
CA TRP A 243 33.68 -19.57 -17.77
C TRP A 243 34.13 -20.13 -16.42
N LEU A 244 35.01 -21.14 -16.40
CA LEU A 244 35.52 -21.63 -15.12
C LEU A 244 36.46 -20.57 -14.50
N ASP A 245 37.30 -20.03 -15.35
CA ASP A 245 38.16 -18.85 -15.12
C ASP A 245 37.29 -17.72 -14.57
N ALA A 246 36.24 -17.37 -15.32
CA ALA A 246 35.41 -16.21 -14.99
C ALA A 246 34.66 -16.40 -13.68
N LEU A 247 34.01 -17.54 -13.51
CA LEU A 247 33.18 -17.74 -12.33
C LEU A 247 34.03 -17.69 -11.07
N THR A 248 35.28 -18.10 -11.20
CA THR A 248 36.18 -18.14 -10.09
C THR A 248 36.49 -16.74 -9.54
N ASN A 249 36.20 -15.69 -10.31
CA ASN A 249 36.43 -14.32 -9.85
C ASN A 249 35.82 -14.06 -8.49
N TYR A 250 34.64 -14.63 -8.25
CA TYR A 250 33.94 -14.40 -7.01
C TYR A 250 34.75 -14.97 -5.85
N LEU A 251 35.39 -16.12 -6.06
CA LEU A 251 36.24 -16.73 -5.04
C LEU A 251 37.52 -15.90 -4.84
N THR A 252 38.16 -15.50 -5.93
CA THR A 252 39.32 -14.60 -5.84
C THR A 252 38.98 -13.33 -5.08
N GLY A 253 37.91 -12.66 -5.48
CA GLY A 253 37.51 -11.40 -4.87
C GLY A 253 37.31 -11.56 -3.37
N SER A 254 36.73 -12.71 -2.99
CA SER A 254 36.47 -12.99 -1.59
C SER A 254 37.74 -13.16 -0.80
N ARG A 255 38.88 -13.26 -1.48
CA ARG A 255 40.18 -13.54 -0.86
C ARG A 255 41.23 -12.42 -1.00
N LEU A 256 40.88 -11.29 -1.62
CA LEU A 256 41.83 -10.20 -1.81
C LEU A 256 41.71 -9.16 -0.73
N ARG A 257 42.83 -8.85 -0.06
CA ARG A 257 42.89 -7.66 0.79
C ARG A 257 43.10 -6.44 -0.10
N VAL A 258 42.32 -5.40 0.15
CA VAL A 258 42.33 -4.20 -0.69
C VAL A 258 42.71 -2.98 0.16
N ASP A 259 43.59 -2.13 -0.38
CA ASP A 259 44.02 -0.90 0.34
C ASP A 259 42.98 0.21 0.20
N GLU A 260 43.29 1.39 0.77
CA GLU A 260 42.41 2.57 0.67
C GLU A 260 42.13 2.99 -0.78
N SER A 261 43.15 2.90 -1.64
CA SER A 261 43.01 3.32 -3.05
C SER A 261 42.26 2.31 -3.92
N GLY A 262 41.87 1.16 -3.37
CA GLY A 262 41.14 0.13 -4.11
C GLY A 262 42.04 -0.85 -4.85
N LYS A 263 43.34 -0.82 -4.57
CA LYS A 263 44.28 -1.74 -5.19
C LYS A 263 44.41 -3.01 -4.36
N GLU A 264 44.48 -4.14 -5.06
CA GLU A 264 44.65 -5.45 -4.43
C GLU A 264 46.08 -5.58 -3.89
N VAL A 265 46.22 -5.88 -2.61
CA VAL A 265 47.57 -5.94 -1.99
C VAL A 265 47.97 -7.34 -1.52
N SER A 266 47.04 -8.27 -1.42
CA SER A 266 47.34 -9.57 -0.84
C SER A 266 46.23 -10.58 -1.11
N LEU A 267 46.62 -11.82 -1.43
CA LEU A 267 45.70 -12.92 -1.54
C LEU A 267 45.83 -13.78 -0.30
N VAL A 268 44.74 -13.95 0.43
CA VAL A 268 44.75 -14.86 1.59
C VAL A 268 44.58 -16.32 1.16
N ASP A 269 45.10 -17.23 1.96
CA ASP A 269 45.03 -18.66 1.68
C ASP A 269 43.62 -19.22 1.89
N ASP A 270 42.98 -18.79 2.97
CA ASP A 270 41.71 -19.33 3.41
C ASP A 270 40.66 -18.23 3.34
N PHE A 271 39.63 -18.44 2.51
CA PHE A 271 38.56 -17.46 2.34
C PHE A 271 37.95 -16.99 3.66
N ASN A 272 37.84 -17.90 4.62
CA ASN A 272 37.31 -17.58 5.94
C ASN A 272 37.99 -16.42 6.63
N GLU A 273 39.23 -16.15 6.26
CA GLU A 273 39.99 -15.08 6.88
C GLU A 273 39.34 -13.70 6.65
N LEU A 274 38.69 -13.51 5.51
CA LEU A 274 38.02 -12.24 5.17
C LEU A 274 36.50 -12.26 5.34
N GLU A 275 35.93 -13.43 5.68
CA GLU A 275 34.51 -13.54 6.03
C GLU A 275 33.54 -13.07 4.92
N ARG A 276 33.93 -13.25 3.67
CA ARG A 276 33.10 -12.85 2.52
C ARG A 276 32.45 -14.03 1.79
N PHE A 277 33.24 -15.04 1.45
CA PHE A 277 32.72 -16.18 0.70
C PHE A 277 31.77 -16.96 1.61
N PRO A 278 30.63 -17.48 1.10
CA PRO A 278 30.21 -17.34 -0.29
C PRO A 278 29.33 -16.11 -0.45
N ALA A 279 29.02 -15.77 -1.69
CA ALA A 279 28.25 -14.58 -1.97
C ALA A 279 26.85 -14.70 -1.35
N ASP A 280 26.42 -13.62 -0.74
CA ASP A 280 25.04 -13.50 -0.30
C ASP A 280 24.09 -13.25 -1.49
N VAL A 281 24.55 -12.45 -2.45
CA VAL A 281 23.79 -12.18 -3.68
C VAL A 281 24.74 -12.09 -4.85
N HIS A 282 24.54 -12.93 -5.86
CA HIS A 282 25.16 -12.78 -7.18
C HIS A 282 24.13 -12.11 -8.09
N VAL A 283 24.40 -10.89 -8.56
CA VAL A 283 23.51 -10.22 -9.53
C VAL A 283 23.96 -10.61 -10.94
N ILE A 284 23.04 -11.06 -11.78
CA ILE A 284 23.34 -11.46 -13.16
C ILE A 284 22.21 -11.13 -14.12
N GLY A 285 22.52 -11.09 -15.41
CA GLY A 285 21.47 -11.06 -16.43
C GLY A 285 20.96 -12.46 -16.67
N LYS A 286 19.73 -12.55 -17.19
CA LYS A 286 19.12 -13.84 -17.49
C LYS A 286 19.95 -14.68 -18.44
N ASP A 287 20.69 -14.01 -19.32
CA ASP A 287 21.54 -14.68 -20.30
C ASP A 287 22.63 -15.57 -19.74
N ILE A 288 23.01 -15.43 -18.46
CA ILE A 288 24.07 -16.28 -17.87
C ILE A 288 23.63 -17.12 -16.68
N LEU A 289 22.32 -17.34 -16.61
CA LEU A 289 21.72 -18.04 -15.48
C LEU A 289 22.26 -19.46 -15.35
N LYS A 290 22.41 -20.18 -16.46
CA LYS A 290 22.85 -21.59 -16.38
C LYS A 290 24.25 -21.70 -15.81
N PHE A 291 25.09 -20.73 -16.14
CA PHE A 291 26.47 -20.75 -15.69
C PHE A 291 26.55 -20.54 -14.16
N HIS A 292 25.68 -19.69 -13.63
CA HIS A 292 25.69 -19.36 -12.21
C HIS A 292 24.86 -20.29 -11.33
N ALA A 293 23.76 -20.82 -11.87
CA ALA A 293 22.85 -21.64 -11.07
C ALA A 293 23.09 -23.16 -11.24
N ILE A 294 23.92 -23.54 -12.21
CA ILE A 294 24.22 -24.95 -12.48
C ILE A 294 25.72 -25.21 -12.40
N TYR A 295 26.52 -24.65 -13.31
CA TYR A 295 27.95 -24.95 -13.33
C TYR A 295 28.64 -24.51 -12.03
N TRP A 296 28.45 -23.25 -11.66
CA TRP A 296 29.12 -22.68 -10.50
C TRP A 296 28.91 -23.52 -9.24
N PRO A 297 27.65 -23.82 -8.88
CA PRO A 297 27.45 -24.59 -7.66
C PRO A 297 28.00 -26.01 -7.75
N ALA A 298 27.98 -26.58 -8.94
CA ALA A 298 28.57 -27.89 -9.15
C ALA A 298 30.07 -27.85 -8.85
N PHE A 299 30.76 -26.82 -9.34
CA PHE A 299 32.20 -26.65 -9.06
C PHE A 299 32.45 -26.52 -7.56
N LEU A 300 31.59 -25.76 -6.89
CA LEU A 300 31.74 -25.51 -5.47
C LEU A 300 31.47 -26.80 -4.68
N LEU A 301 30.51 -27.58 -5.16
CA LEU A 301 30.19 -28.85 -4.54
C LEU A 301 31.38 -29.81 -4.68
N SER A 302 32.00 -29.84 -5.85
CA SER A 302 33.17 -30.70 -6.08
C SER A 302 34.31 -30.33 -5.12
N ALA A 303 34.57 -29.03 -5.02
CA ALA A 303 35.66 -28.49 -4.23
C ALA A 303 35.40 -28.51 -2.72
N GLY A 304 34.16 -28.77 -2.29
CA GLY A 304 33.80 -28.68 -0.87
C GLY A 304 33.70 -27.24 -0.38
N LEU A 305 33.28 -26.34 -1.25
CA LEU A 305 33.18 -24.90 -0.92
C LEU A 305 31.72 -24.57 -0.71
N PRO A 306 31.44 -23.61 0.18
CA PRO A 306 30.04 -23.27 0.43
C PRO A 306 29.39 -22.59 -0.80
N LEU A 307 28.07 -22.76 -0.93
CA LEU A 307 27.34 -22.27 -2.06
C LEU A 307 26.79 -20.89 -1.80
N PRO A 308 26.50 -20.12 -2.86
CA PRO A 308 25.93 -18.78 -2.65
C PRO A 308 24.51 -18.86 -2.08
N LYS A 309 24.11 -17.81 -1.36
CA LYS A 309 22.76 -17.77 -0.77
C LYS A 309 21.70 -17.52 -1.82
N LYS A 310 21.94 -16.54 -2.71
CA LYS A 310 20.96 -16.09 -3.68
C LYS A 310 21.62 -15.71 -4.98
N ILE A 311 20.96 -16.06 -6.08
CA ILE A 311 21.31 -15.59 -7.41
C ILE A 311 20.11 -14.83 -7.94
N VAL A 312 20.29 -13.56 -8.29
CA VAL A 312 19.19 -12.76 -8.83
C VAL A 312 19.46 -12.44 -10.31
N ALA A 313 18.53 -12.84 -11.17
CA ALA A 313 18.69 -12.74 -12.61
C ALA A 313 17.68 -11.77 -13.18
N HIS A 314 18.16 -10.72 -13.83
CA HIS A 314 17.29 -9.67 -14.39
C HIS A 314 17.11 -9.78 -15.93
N GLY A 315 16.27 -8.89 -16.50
CA GLY A 315 16.02 -8.83 -17.94
C GLY A 315 16.89 -7.85 -18.72
N TRP A 316 16.57 -7.71 -20.02
CA TRP A 316 17.28 -6.79 -20.93
C TRP A 316 16.50 -5.52 -21.20
N TRP A 317 17.22 -4.42 -21.44
CA TRP A 317 16.59 -3.15 -21.79
C TRP A 317 16.37 -2.98 -23.29
N THR A 318 15.29 -2.26 -23.62
CA THR A 318 15.03 -1.74 -24.96
C THR A 318 14.91 -0.22 -24.86
N LYS A 319 15.03 0.48 -25.99
CA LYS A 319 14.77 1.93 -26.02
C LYS A 319 13.72 2.23 -27.08
N ASP A 320 12.64 2.89 -26.66
CA ASP A 320 11.50 3.21 -27.54
C ASP A 320 10.90 1.94 -28.17
N ARG A 321 10.74 0.90 -27.35
CA ARG A 321 10.15 -0.39 -27.77
C ARG A 321 10.97 -1.14 -28.84
N LYS A 322 12.26 -0.82 -28.98
CA LYS A 322 13.12 -1.42 -30.01
C LYS A 322 14.48 -1.86 -29.46
N LYS A 323 15.10 -2.82 -30.15
CA LYS A 323 16.43 -3.31 -29.80
C LYS A 323 17.45 -2.16 -29.74
N ILE A 324 18.21 -2.11 -28.66
CA ILE A 324 19.29 -1.14 -28.50
C ILE A 324 20.48 -1.57 -29.32
N SER A 327 24.86 1.99 -33.87
CA SER A 327 25.02 0.71 -34.55
C SER A 327 23.80 0.38 -35.44
N LEU A 328 22.68 -0.02 -34.83
CA LEU A 328 21.40 -0.20 -35.54
C LEU A 328 20.59 1.10 -35.62
N GLY A 329 21.12 2.19 -35.07
CA GLY A 329 20.43 3.49 -35.04
C GLY A 329 19.54 3.72 -33.82
N ASN A 330 19.80 2.98 -32.74
CA ASN A 330 19.08 3.18 -31.48
C ASN A 330 20.01 3.08 -30.27
N VAL A 331 20.72 4.16 -30.01
CA VAL A 331 21.70 4.22 -28.90
C VAL A 331 21.02 4.60 -27.60
N PHE A 332 21.43 3.94 -26.51
CA PHE A 332 21.03 4.34 -25.17
C PHE A 332 22.28 4.43 -24.29
N ASP A 333 22.79 5.66 -24.15
CA ASP A 333 24.00 5.94 -23.38
C ASP A 333 23.59 6.43 -21.99
N PRO A 334 23.88 5.64 -20.95
CA PRO A 334 23.48 6.02 -19.60
C PRO A 334 24.21 7.24 -19.02
N VAL A 335 25.47 7.44 -19.38
CA VAL A 335 26.19 8.63 -18.92
C VAL A 335 25.56 9.89 -19.51
N GLU A 336 25.24 9.82 -20.81
CA GLU A 336 24.62 10.91 -21.53
C GLU A 336 23.26 11.28 -20.94
N LYS A 337 22.42 10.27 -20.72
CA LYS A 337 21.09 10.50 -20.16
C LYS A 337 21.15 10.99 -18.70
N ALA A 338 22.17 10.56 -17.96
CA ALA A 338 22.38 11.02 -16.58
C ALA A 338 22.80 12.49 -16.53
N GLU A 339 23.66 12.90 -17.45
CA GLU A 339 24.03 14.31 -17.60
C GLU A 339 22.81 15.18 -17.95
N GLU A 340 21.89 14.62 -18.74
CA GLU A 340 20.68 15.32 -19.13
C GLU A 340 19.66 15.40 -18.00
N PHE A 341 19.42 14.27 -17.32
CA PHE A 341 18.31 14.19 -16.37
C PHE A 341 18.74 14.13 -14.89
N GLY A 342 20.02 13.87 -14.62
CA GLY A 342 20.51 13.65 -13.26
C GLY A 342 20.87 12.19 -13.03
N TYR A 343 21.91 11.96 -12.23
CA TYR A 343 22.41 10.60 -11.99
C TYR A 343 21.45 9.78 -11.12
N ASP A 344 21.08 10.34 -9.97
CA ASP A 344 20.10 9.68 -9.13
C ASP A 344 18.78 9.44 -9.86
N ALA A 345 18.33 10.41 -10.66
CA ALA A 345 17.06 10.31 -11.38
C ALA A 345 17.06 9.14 -12.36
N LEU A 346 18.12 9.04 -13.16
CA LEU A 346 18.25 7.95 -14.11
C LEU A 346 18.33 6.60 -13.39
N LYS A 347 19.07 6.55 -12.29
CA LYS A 347 19.17 5.34 -11.48
C LYS A 347 17.80 4.93 -10.95
N TYR A 348 17.12 5.90 -10.35
CA TYR A 348 15.74 5.70 -9.89
C TYR A 348 14.89 5.10 -11.01
N PHE A 349 14.98 5.68 -12.21
CA PHE A 349 14.14 5.23 -13.31
C PHE A 349 14.45 3.80 -13.69
N LEU A 350 15.72 3.48 -13.86
CA LEU A 350 16.13 2.12 -14.23
C LEU A 350 15.64 1.10 -13.23
N LEU A 351 15.63 1.47 -11.95
CA LEU A 351 15.26 0.56 -10.86
C LEU A 351 13.75 0.52 -10.64
N ARG A 352 13.05 1.63 -10.94
CA ARG A 352 11.59 1.70 -10.78
C ARG A 352 10.83 1.20 -12.02
N GLU A 353 11.35 1.48 -13.21
CA GLU A 353 10.54 1.28 -14.42
C GLU A 353 10.20 -0.19 -14.67
N SER A 354 11.13 -1.08 -14.34
CA SER A 354 10.87 -2.51 -14.52
C SER A 354 11.40 -3.38 -13.38
N GLY A 355 10.78 -4.54 -13.22
CA GLY A 355 11.20 -5.52 -12.24
C GLY A 355 12.16 -6.50 -12.86
N PHE A 356 12.72 -7.35 -12.02
CA PHE A 356 13.72 -8.32 -12.46
C PHE A 356 13.13 -9.41 -13.37
N SER A 357 11.81 -9.56 -13.33
CA SER A 357 11.11 -10.47 -14.23
C SER A 357 10.86 -9.92 -15.65
N ASP A 358 11.06 -8.62 -15.85
CA ASP A 358 10.68 -7.98 -17.11
C ASP A 358 11.88 -7.48 -17.89
N ASP A 359 11.70 -7.41 -19.21
CA ASP A 359 12.59 -6.63 -20.06
C ASP A 359 12.08 -5.19 -20.06
N GLY A 360 12.78 -4.34 -19.33
CA GLY A 360 12.41 -2.93 -19.22
C GLY A 360 12.52 -2.17 -20.53
N ASP A 361 11.79 -1.05 -20.62
CA ASP A 361 11.81 -0.17 -21.79
C ASP A 361 12.05 1.29 -21.35
N TYR A 362 13.08 1.90 -21.91
CA TYR A 362 13.36 3.32 -21.67
C TYR A 362 12.83 4.20 -22.80
N SER A 363 12.25 5.33 -22.43
CA SER A 363 12.01 6.43 -23.38
C SER A 363 12.14 7.75 -22.62
N ASP A 364 12.50 8.82 -23.33
CA ASP A 364 12.59 10.15 -22.73
C ASP A 364 11.23 10.57 -22.16
N LYS A 365 10.16 10.20 -22.86
CA LYS A 365 8.80 10.51 -22.43
C LYS A 365 8.50 9.97 -21.04
N ASN A 366 8.73 8.67 -20.84
CA ASN A 366 8.40 8.05 -19.58
C ASN A 366 9.41 8.38 -18.48
N MET A 367 10.66 8.62 -18.88
CA MET A 367 11.68 9.11 -17.96
C MET A 367 11.27 10.46 -17.37
N ILE A 368 10.82 11.38 -18.23
CA ILE A 368 10.34 12.68 -17.78
C ILE A 368 9.10 12.54 -16.93
N ALA A 369 8.20 11.65 -17.32
CA ALA A 369 6.97 11.42 -16.57
C ALA A 369 7.26 11.00 -15.14
N ARG A 370 8.22 10.09 -14.97
CA ARG A 370 8.61 9.62 -13.63
C ARG A 370 9.41 10.67 -12.86
N LEU A 371 10.30 11.37 -13.54
CA LEU A 371 11.05 12.45 -12.92
C LEU A 371 10.09 13.52 -12.38
N ASN A 372 9.16 13.97 -13.22
CA ASN A 372 8.23 15.02 -12.84
C ASN A 372 7.23 14.54 -11.79
N GLY A 373 6.63 13.39 -12.05
CA GLY A 373 5.54 12.88 -11.23
C GLY A 373 5.97 12.33 -9.88
N GLU A 374 7.02 11.50 -9.88
CA GLU A 374 7.44 10.83 -8.65
C GLU A 374 8.50 11.62 -7.89
N LEU A 375 9.60 11.92 -8.54
CA LEU A 375 10.72 12.58 -7.88
C LEU A 375 10.46 14.06 -7.55
N ALA A 376 9.88 14.80 -8.49
CA ALA A 376 9.63 16.23 -8.29
C ALA A 376 8.31 16.53 -7.54
N ASP A 377 7.20 16.02 -8.09
CA ASP A 377 5.87 16.29 -7.56
C ASP A 377 5.56 15.55 -6.26
N THR A 378 6.03 14.31 -6.13
CA THR A 378 5.71 13.53 -4.94
C THR A 378 6.76 13.75 -3.86
N LEU A 379 8.03 13.57 -4.19
CA LEU A 379 9.09 13.63 -3.18
C LEU A 379 9.59 15.04 -2.96
N GLY A 380 10.02 15.69 -4.04
CA GLY A 380 10.60 17.02 -3.95
C GLY A 380 9.65 18.04 -3.37
N ASN A 381 8.43 18.07 -3.90
CA ASN A 381 7.34 18.90 -3.38
C ASN A 381 7.18 18.80 -1.87
N LEU A 382 7.13 17.56 -1.39
CA LEU A 382 6.94 17.29 0.01
C LEU A 382 8.10 17.83 0.85
N VAL A 383 9.32 17.63 0.34
CA VAL A 383 10.52 18.12 1.01
C VAL A 383 10.49 19.66 1.15
N MET A 384 10.09 20.36 0.08
CA MET A 384 10.06 21.82 0.12
C MET A 384 8.98 22.31 1.09
N ARG A 385 7.79 21.69 1.03
CA ARG A 385 6.68 22.09 1.89
C ARG A 385 7.02 22.02 3.37
N CYS A 386 7.65 20.93 3.83
CA CYS A 386 7.90 20.75 5.26
C CYS A 386 9.11 21.53 5.77
N THR A 387 9.96 21.98 4.86
CA THR A 387 11.11 22.81 5.19
C THR A 387 10.88 24.29 4.87
N SER A 388 9.77 24.60 4.21
CA SER A 388 9.47 25.98 3.77
C SER A 388 9.36 26.95 4.94
N ALA A 389 9.88 28.16 4.75
CA ALA A 389 9.78 29.23 5.76
C ALA A 389 8.33 29.66 6.01
N LYS A 390 7.50 29.57 4.98
CA LYS A 390 6.08 29.89 5.07
C LYS A 390 5.35 28.99 6.07
N ILE A 391 5.65 27.70 6.02
CA ILE A 391 4.95 26.71 6.85
C ILE A 391 5.72 26.42 8.14
N ASN A 392 7.03 26.16 8.01
CA ASN A 392 7.92 25.87 9.11
C ASN A 392 8.59 27.18 9.52
N VAL A 393 7.89 28.01 10.28
CA VAL A 393 8.35 29.38 10.50
C VAL A 393 9.60 29.45 11.38
N ASN A 394 9.75 28.52 12.30
CA ASN A 394 10.91 28.52 13.19
C ASN A 394 12.13 27.79 12.63
N GLY A 395 11.97 27.12 11.48
CA GLY A 395 13.08 26.41 10.86
C GLY A 395 13.63 25.31 11.75
N GLU A 396 12.74 24.43 12.22
CA GLU A 396 13.13 23.37 13.13
C GLU A 396 12.12 22.23 13.15
N TRP A 397 12.53 21.12 13.76
CA TRP A 397 11.61 20.03 14.04
C TRP A 397 10.79 20.44 15.26
N PRO A 398 9.46 20.56 15.10
CA PRO A 398 8.67 20.99 16.24
C PRO A 398 8.29 19.80 17.10
N SER A 399 7.88 20.11 18.32
CA SER A 399 7.44 19.11 19.26
C SER A 399 5.96 18.85 19.03
N PRO A 400 5.59 17.59 18.73
CA PRO A 400 4.18 17.33 18.44
C PRO A 400 3.29 17.45 19.67
N ALA A 401 2.06 17.91 19.47
CA ALA A 401 1.02 17.82 20.51
C ALA A 401 0.34 16.44 20.39
N ALA A 402 -0.91 16.34 20.83
CA ALA A 402 -1.62 15.07 20.83
C ALA A 402 -2.07 14.63 19.43
N TYR A 403 -2.00 13.33 19.19
CA TYR A 403 -2.28 12.76 17.88
C TYR A 403 -3.76 12.40 17.70
N THR A 404 -4.34 12.82 16.59
CA THR A 404 -5.66 12.32 16.16
C THR A 404 -5.54 10.92 15.56
N GLU A 405 -6.69 10.30 15.29
CA GLU A 405 -6.70 9.03 14.57
C GLU A 405 -6.11 9.11 13.19
N GLU A 406 -6.38 10.19 12.48
CA GLU A 406 -5.79 10.39 11.16
C GLU A 406 -4.25 10.46 11.24
N ASP A 407 -3.74 11.20 12.23
CA ASP A 407 -2.32 11.25 12.51
C ASP A 407 -1.75 9.84 12.73
N GLU A 408 -2.44 9.09 13.57
CA GLU A 408 -1.97 7.76 13.95
C GLU A 408 -1.94 6.84 12.73
N SER A 409 -2.90 7.00 11.80
CA SER A 409 -2.93 6.16 10.62
C SER A 409 -1.69 6.38 9.77
N LEU A 410 -1.30 7.63 9.59
CA LEU A 410 -0.09 7.95 8.83
C LEU A 410 1.17 7.46 9.55
N ILE A 411 1.22 7.70 10.85
CA ILE A 411 2.33 7.25 11.68
C ILE A 411 2.54 5.74 11.59
N GLN A 412 1.45 4.99 11.53
CA GLN A 412 1.51 3.55 11.44
C GLN A 412 2.16 3.12 10.13
N LEU A 413 1.81 3.82 9.04
CA LEU A 413 2.39 3.51 7.73
C LEU A 413 3.88 3.75 7.74
N ILE A 414 4.29 4.84 8.37
CA ILE A 414 5.69 5.21 8.46
C ILE A 414 6.46 4.18 9.31
N LYS A 415 5.85 3.73 10.40
CA LYS A 415 6.44 2.73 11.28
C LYS A 415 6.56 1.35 10.62
N ASP A 416 5.59 0.97 9.80
CA ASP A 416 5.62 -0.32 9.13
C ASP A 416 6.56 -0.35 7.92
N LEU A 417 6.84 0.81 7.33
CA LEU A 417 7.60 0.89 6.10
C LEU A 417 8.98 0.21 6.15
N PRO A 418 9.80 0.48 7.19
CA PRO A 418 11.13 -0.15 7.19
C PRO A 418 11.07 -1.67 7.07
N GLY A 419 10.19 -2.30 7.83
CA GLY A 419 10.08 -3.76 7.79
C GLY A 419 9.63 -4.26 6.43
N THR A 420 8.75 -3.51 5.79
CA THR A 420 8.27 -3.88 4.46
C THR A 420 9.37 -3.71 3.41
N ALA A 421 10.03 -2.56 3.44
CA ALA A 421 11.09 -2.27 2.48
C ALA A 421 12.28 -3.21 2.69
N ASP A 422 12.57 -3.49 3.95
CA ASP A 422 13.64 -4.43 4.26
C ASP A 422 13.42 -5.79 3.61
N HIS A 423 12.23 -6.36 3.74
CA HIS A 423 11.93 -7.64 3.09
C HIS A 423 12.12 -7.60 1.58
N TYR A 424 11.67 -6.49 0.95
CA TYR A 424 11.80 -6.39 -0.49
C TYR A 424 13.27 -6.30 -0.90
N TYR A 425 14.06 -5.53 -0.15
CA TYR A 425 15.48 -5.39 -0.44
C TYR A 425 16.20 -6.72 -0.33
N LEU A 426 15.74 -7.58 0.58
CA LEU A 426 16.40 -8.84 0.81
C LEU A 426 16.01 -9.91 -0.19
N ILE A 427 14.92 -9.70 -0.94
CA ILE A 427 14.46 -10.74 -1.87
C ILE A 427 15.54 -11.20 -2.87
N PRO A 428 16.17 -10.28 -3.62
CA PRO A 428 15.90 -8.84 -3.62
C PRO A 428 14.94 -8.41 -4.72
N ASP A 429 14.15 -7.39 -4.44
CA ASP A 429 13.22 -6.84 -5.42
C ASP A 429 13.19 -5.34 -5.17
N ILE A 430 14.08 -4.64 -5.85
CA ILE A 430 14.30 -3.24 -5.61
C ILE A 430 13.08 -2.43 -6.08
N GLN A 431 12.47 -2.84 -7.17
CA GLN A 431 11.27 -2.20 -7.67
C GLN A 431 10.16 -2.15 -6.60
N LYS A 432 9.88 -3.28 -5.96
CA LYS A 432 8.85 -3.31 -4.94
C LYS A 432 9.22 -2.48 -3.72
N ALA A 433 10.52 -2.39 -3.41
CA ALA A 433 10.96 -1.56 -2.31
C ALA A 433 10.67 -0.10 -2.62
N ILE A 434 10.96 0.32 -3.84
CA ILE A 434 10.74 1.71 -4.24
C ILE A 434 9.26 2.02 -4.16
N ILE A 435 8.44 1.14 -4.73
CA ILE A 435 7.01 1.33 -4.76
C ILE A 435 6.45 1.43 -3.36
N ALA A 436 6.92 0.59 -2.44
CA ALA A 436 6.49 0.66 -1.05
C ALA A 436 6.82 2.01 -0.42
N VAL A 437 8.02 2.52 -0.66
CA VAL A 437 8.37 3.82 -0.10
C VAL A 437 7.46 4.91 -0.69
N PHE A 438 7.26 4.89 -2.01
CA PHE A 438 6.46 5.92 -2.64
C PHE A 438 4.96 5.83 -2.28
N ASP A 439 4.48 4.65 -1.92
CA ASP A 439 3.12 4.54 -1.40
C ASP A 439 2.99 5.39 -0.15
N VAL A 440 4.00 5.32 0.72
CA VAL A 440 4.01 6.11 1.93
C VAL A 440 4.20 7.61 1.62
N LEU A 441 5.03 7.94 0.64
CA LEU A 441 5.18 9.34 0.25
C LEU A 441 3.87 9.94 -0.28
N ARG A 442 3.13 9.18 -1.07
CA ARG A 442 1.82 9.63 -1.54
C ARG A 442 0.84 9.83 -0.38
N ALA A 443 0.86 8.92 0.59
CA ALA A 443 -0.01 9.08 1.75
C ALA A 443 0.35 10.32 2.60
N ILE A 444 1.64 10.65 2.69
CA ILE A 444 2.08 11.81 3.45
C ILE A 444 1.57 13.06 2.73
N ASN A 445 1.75 13.09 1.41
CA ASN A 445 1.21 14.19 0.58
C ASN A 445 -0.29 14.37 0.76
N ALA A 446 -1.03 13.27 0.78
CA ALA A 446 -2.48 13.33 0.96
C ALA A 446 -2.82 13.89 2.34
N TYR A 447 -2.07 13.46 3.36
CA TYR A 447 -2.25 13.97 4.71
C TYR A 447 -2.01 15.48 4.78
N VAL A 448 -0.89 15.92 4.19
CA VAL A 448 -0.54 17.36 4.15
C VAL A 448 -1.65 18.18 3.49
N THR A 449 -2.17 17.65 2.38
CA THR A 449 -3.27 18.29 1.64
C THR A 449 -4.55 18.36 2.48
N ASP A 450 -4.88 17.27 3.20
CA ASP A 450 -6.03 17.29 4.11
C ASP A 450 -5.86 18.27 5.26
N MET A 451 -4.63 18.40 5.77
CA MET A 451 -4.38 19.25 6.94
C MET A 451 -4.10 20.71 6.60
N ALA A 452 -3.77 21.00 5.35
CA ALA A 452 -3.46 22.37 4.89
C ALA A 452 -2.66 23.17 5.94
N PRO A 453 -1.42 22.73 6.22
CA PRO A 453 -0.62 23.35 7.27
C PRO A 453 -0.34 24.84 7.04
N TRP A 454 -0.38 25.26 5.77
CA TRP A 454 -0.24 26.67 5.42
C TRP A 454 -1.32 27.52 6.08
N LYS A 455 -2.53 26.99 6.19
CA LYS A 455 -3.61 27.71 6.91
C LYS A 455 -3.40 27.63 8.43
N LEU A 456 -2.93 26.48 8.91
CA LEU A 456 -2.75 26.29 10.35
C LEU A 456 -1.78 27.28 10.99
N VAL A 457 -0.79 27.76 10.23
CA VAL A 457 0.16 28.75 10.77
C VAL A 457 -0.52 29.90 11.49
N LYS A 458 -1.56 30.47 10.86
CA LYS A 458 -2.33 31.56 11.46
C LYS A 458 -3.44 31.05 12.38
N THR A 459 -4.06 29.94 12.00
CA THR A 459 -5.29 29.46 12.64
C THR A 459 -5.09 28.62 13.90
N ASP A 460 -4.17 27.66 13.87
CA ASP A 460 -3.95 26.76 14.99
C ASP A 460 -2.49 26.31 15.06
N PRO A 461 -1.63 27.12 15.69
CA PRO A 461 -0.20 26.80 15.75
C PRO A 461 0.13 25.50 16.49
N GLU A 462 -0.66 25.14 17.51
CA GLU A 462 -0.45 23.89 18.24
C GLU A 462 -0.64 22.72 17.28
N ARG A 463 -1.76 22.71 16.56
CA ARG A 463 -2.03 21.65 15.60
C ARG A 463 -0.94 21.54 14.52
N LEU A 464 -0.48 22.68 14.01
CA LEU A 464 0.58 22.69 13.02
C LEU A 464 1.84 21.97 13.51
N ARG A 465 2.20 22.15 14.78
CA ARG A 465 3.36 21.45 15.36
C ARG A 465 3.26 19.95 15.07
N THR A 466 2.10 19.38 15.41
CA THR A 466 1.88 17.96 15.25
C THR A 466 1.99 17.52 13.79
N VAL A 467 1.37 18.29 12.90
CA VAL A 467 1.31 17.97 11.49
C VAL A 467 2.69 18.05 10.87
N LEU A 468 3.39 19.12 11.22
CA LEU A 468 4.72 19.37 10.68
C LEU A 468 5.69 18.29 11.13
N TYR A 469 5.63 17.93 12.41
CA TYR A 469 6.53 16.90 12.93
C TYR A 469 6.36 15.58 12.21
N ILE A 470 5.12 15.12 12.10
CA ILE A 470 4.80 13.86 11.45
C ILE A 470 5.29 13.87 10.00
N THR A 471 5.08 14.99 9.32
CA THR A 471 5.49 15.11 7.95
C THR A 471 7.01 15.01 7.80
N LEU A 472 7.73 15.80 8.62
CA LEU A 472 9.19 15.76 8.62
C LEU A 472 9.69 14.36 8.87
N GLU A 473 9.10 13.67 9.82
CA GLU A 473 9.57 12.34 10.18
C GLU A 473 9.27 11.35 9.05
N GLY A 474 8.15 11.52 8.37
CA GLY A 474 7.81 10.68 7.25
C GLY A 474 8.79 10.89 6.11
N VAL A 475 9.20 12.13 5.91
CA VAL A 475 10.18 12.42 4.87
C VAL A 475 11.56 11.85 5.22
N ARG A 476 11.97 11.99 6.48
CA ARG A 476 13.23 11.41 6.94
C ARG A 476 13.28 9.91 6.68
N VAL A 477 12.23 9.22 7.08
CA VAL A 477 12.22 7.76 7.06
C VAL A 477 12.14 7.23 5.63
N THR A 478 11.29 7.84 4.81
CA THR A 478 11.19 7.43 3.42
C THR A 478 12.54 7.67 2.73
N THR A 479 13.14 8.83 3.00
CA THR A 479 14.40 9.20 2.37
C THR A 479 15.54 8.23 2.80
N LEU A 480 15.60 7.90 4.08
CA LEU A 480 16.56 6.90 4.57
C LEU A 480 16.49 5.60 3.74
N LEU A 481 15.29 5.06 3.61
CA LEU A 481 15.06 3.85 2.83
C LEU A 481 15.27 4.00 1.33
N LEU A 482 15.14 5.22 0.82
CA LEU A 482 15.49 5.54 -0.56
C LEU A 482 16.98 5.89 -0.77
N SER A 483 17.76 6.07 0.29
CA SER A 483 19.15 6.49 0.14
C SER A 483 20.03 5.55 -0.71
N PRO A 484 19.78 4.22 -0.68
CA PRO A 484 20.50 3.37 -1.64
C PRO A 484 20.14 3.65 -3.11
N ILE A 485 18.94 4.17 -3.36
CA ILE A 485 18.48 4.48 -4.71
C ILE A 485 18.96 5.85 -5.17
N LEU A 486 18.86 6.82 -4.26
CA LEU A 486 19.21 8.20 -4.53
C LEU A 486 20.30 8.60 -3.54
N PRO A 487 21.54 8.13 -3.76
CA PRO A 487 22.59 8.37 -2.77
C PRO A 487 22.97 9.83 -2.58
N ARG A 488 23.02 10.61 -3.66
CA ARG A 488 23.39 12.03 -3.56
C ARG A 488 22.23 12.92 -3.11
N LYS A 489 21.07 12.70 -3.72
CA LYS A 489 19.87 13.44 -3.36
C LYS A 489 19.42 13.21 -1.92
N SER A 490 19.61 11.99 -1.40
CA SER A 490 19.26 11.71 0.00
C SER A 490 20.06 12.57 0.98
N VAL A 491 21.32 12.85 0.63
CA VAL A 491 22.19 13.70 1.44
C VAL A 491 21.70 15.14 1.39
N VAL A 492 21.31 15.62 0.21
CA VAL A 492 20.75 16.96 0.09
C VAL A 492 19.53 17.08 0.97
N ILE A 493 18.64 16.09 0.88
CA ILE A 493 17.40 16.09 1.65
C ILE A 493 17.70 16.12 3.15
N PHE A 494 18.56 15.21 3.61
CA PHE A 494 18.92 15.21 5.02
C PHE A 494 19.53 16.54 5.48
N ASP A 495 20.32 17.18 4.61
CA ASP A 495 20.89 18.49 4.94
C ASP A 495 19.81 19.55 5.11
N MET A 496 18.82 19.57 4.21
CA MET A 496 17.67 20.47 4.35
C MET A 496 16.90 20.23 5.65
N LEU A 497 16.72 18.97 6.03
CA LEU A 497 16.02 18.61 7.26
C LEU A 497 16.87 18.78 8.52
N GLY A 498 18.17 19.01 8.36
CA GLY A 498 19.07 19.13 9.50
C GLY A 498 19.26 17.83 10.27
N VAL A 499 19.11 16.69 9.60
CA VAL A 499 19.31 15.39 10.24
C VAL A 499 20.81 15.21 10.49
N PRO A 500 21.22 15.09 11.75
CA PRO A 500 22.63 14.85 11.99
C PRO A 500 23.12 13.57 11.33
N GLU A 501 24.41 13.56 10.95
CA GLU A 501 25.06 12.40 10.33
C GLU A 501 24.74 11.08 11.00
N VAL A 502 24.86 11.04 12.33
CA VAL A 502 24.65 9.81 13.08
C VAL A 502 23.30 9.18 12.74
N HIS A 503 22.31 10.02 12.42
CA HIS A 503 20.95 9.55 12.17
C HIS A 503 20.66 9.20 10.73
N ARG A 504 21.67 9.27 9.86
CA ARG A 504 21.50 8.95 8.45
C ARG A 504 21.78 7.47 8.10
N LYS A 505 22.11 6.65 9.09
CA LYS A 505 22.28 5.20 8.86
C LYS A 505 22.08 4.42 10.15
N GLY A 506 21.93 3.12 10.02
CA GLY A 506 21.79 2.26 11.18
C GLY A 506 20.34 1.90 11.39
N ILE A 507 20.08 0.66 11.79
CA ILE A 507 18.71 0.17 11.93
C ILE A 507 17.99 0.94 13.04
N GLU A 508 18.75 1.43 14.03
CA GLU A 508 18.16 2.23 15.10
C GLU A 508 17.38 3.40 14.54
N ASN A 509 17.83 3.92 13.41
CA ASN A 509 17.20 5.09 12.81
C ASN A 509 16.07 4.80 11.82
N PHE A 510 15.77 3.53 11.63
CA PHE A 510 14.54 3.11 10.95
C PHE A 510 13.32 3.40 11.85
N GLU A 511 13.54 3.60 13.15
CA GLU A 511 12.44 3.80 14.09
C GLU A 511 11.85 5.20 14.01
N PHE A 512 10.52 5.26 14.06
CA PHE A 512 9.83 6.53 14.11
C PHE A 512 10.31 7.28 15.34
N GLY A 513 10.70 8.54 15.16
CA GLY A 513 11.01 9.41 16.29
C GLY A 513 12.47 9.57 16.65
N ALA A 514 13.36 9.15 15.76
CA ALA A 514 14.80 9.12 16.03
C ALA A 514 15.45 10.49 16.09
N VAL A 515 14.83 11.48 15.47
CA VAL A 515 15.36 12.85 15.44
C VAL A 515 14.52 13.72 16.36
N PRO A 516 15.12 14.28 17.41
CA PRO A 516 14.33 14.93 18.43
C PRO A 516 13.78 16.30 18.00
N PRO A 517 12.61 16.67 18.54
CA PRO A 517 12.15 18.05 18.38
C PRO A 517 13.22 19.01 18.88
N GLY A 518 13.31 20.16 18.22
CA GLY A 518 14.33 21.16 18.53
C GLY A 518 15.49 21.13 17.54
N THR A 519 15.63 20.02 16.83
CA THR A 519 16.62 19.89 15.75
C THR A 519 16.39 20.99 14.73
N ARG A 520 17.47 21.67 14.35
CA ARG A 520 17.37 22.83 13.48
C ARG A 520 17.48 22.37 12.03
N LEU A 521 16.65 22.94 11.17
CA LEU A 521 16.75 22.66 9.73
C LEU A 521 18.07 23.19 9.19
N GLY A 522 18.48 22.67 8.05
CA GLY A 522 19.64 23.22 7.34
C GLY A 522 19.29 24.57 6.76
N PRO A 523 20.32 25.37 6.42
CA PRO A 523 20.05 26.69 5.83
C PRO A 523 19.51 26.56 4.41
N ALA A 524 18.73 27.53 3.98
CA ALA A 524 18.18 27.57 2.62
C ALA A 524 19.13 28.34 1.72
N VAL A 525 19.16 28.01 0.42
CA VAL A 525 20.01 28.71 -0.56
C VAL A 525 19.19 29.48 -1.61
N GLU A 528 16.34 27.41 -5.50
CA GLU A 528 16.93 26.13 -5.12
C GLU A 528 15.91 25.00 -5.23
N VAL A 529 16.17 24.04 -6.11
CA VAL A 529 15.25 22.92 -6.36
C VAL A 529 15.97 21.58 -6.24
N LEU A 530 15.24 20.59 -5.73
CA LEU A 530 15.79 19.26 -5.51
C LEU A 530 15.82 18.47 -6.82
N PHE A 531 14.66 18.41 -7.48
CA PHE A 531 14.52 17.83 -8.82
C PHE A 531 13.80 18.85 -9.68
N SER A 532 14.44 19.32 -10.74
CA SER A 532 13.82 20.30 -11.63
C SER A 532 13.02 19.58 -12.71
N LYS A 533 11.75 19.95 -12.85
CA LYS A 533 10.85 19.32 -13.81
C LYS A 533 11.28 19.68 -15.24
N ARG A 534 11.15 18.73 -16.16
CA ARG A 534 11.51 18.96 -17.58
C ARG A 534 10.27 19.22 -18.41
N SER A 535 10.41 20.00 -19.47
CA SER A 535 9.34 20.21 -20.46
C SER A 535 8.88 18.89 -21.08
N THR A 536 7.57 18.75 -21.28
CA THR A 536 6.99 17.56 -21.92
C THR A 536 7.31 17.54 -23.41
N GLY B 1 2.18 -3.33 12.82
CA GLY B 1 1.95 -2.88 14.22
C GLY B 1 0.54 -3.22 14.66
N PRO B 2 0.29 -3.22 15.97
CA PRO B 2 -1.07 -3.46 16.44
C PRO B 2 -1.92 -2.23 16.22
N GLY B 3 -3.22 -2.43 16.05
CA GLY B 3 -4.16 -1.32 16.00
C GLY B 3 -4.49 -0.86 17.41
N SER B 4 -5.55 -0.07 17.52
CA SER B 4 -5.99 0.45 18.82
C SER B 4 -6.66 -0.69 19.55
N MET B 5 -6.60 -0.66 20.88
CA MET B 5 -7.27 -1.70 21.67
C MET B 5 -8.76 -1.45 21.67
N LYS B 6 -9.50 -2.42 22.20
CA LYS B 6 -10.94 -2.26 22.31
C LYS B 6 -11.27 -1.11 23.24
N VAL B 7 -12.35 -0.37 22.94
CA VAL B 7 -12.92 0.57 23.90
C VAL B 7 -13.58 -0.25 25.00
N GLU B 8 -13.61 0.29 26.21
CA GLU B 8 -14.25 -0.36 27.38
C GLU B 8 -15.77 -0.16 27.43
N LYS B 9 -16.24 0.97 26.93
CA LYS B 9 -17.68 1.26 26.92
C LYS B 9 -18.34 0.57 25.73
N VAL B 10 -19.66 0.64 25.67
CA VAL B 10 -20.38 0.16 24.51
C VAL B 10 -20.15 1.16 23.39
N PHE B 11 -19.61 0.68 22.27
CA PHE B 11 -19.36 1.56 21.15
C PHE B 11 -20.70 2.01 20.58
N PHE B 12 -20.88 3.32 20.49
CA PHE B 12 -22.17 3.92 20.18
C PHE B 12 -22.05 4.72 18.89
N VAL B 13 -22.74 4.24 17.86
CA VAL B 13 -22.70 4.85 16.55
C VAL B 13 -24.15 5.10 16.10
N THR B 14 -24.36 6.25 15.46
CA THR B 14 -25.70 6.72 15.09
C THR B 14 -25.74 7.21 13.66
N SER B 15 -26.95 7.15 13.09
CA SER B 15 -27.25 7.83 11.83
C SER B 15 -28.15 8.99 12.18
N PRO B 16 -28.39 9.91 11.23
CA PRO B 16 -29.39 10.92 11.53
C PRO B 16 -30.75 10.24 11.61
N ILE B 17 -31.73 10.89 12.25
CA ILE B 17 -33.10 10.41 12.16
C ILE B 17 -33.79 11.15 11.01
N TYR B 18 -34.49 10.39 10.18
CA TYR B 18 -34.94 10.91 8.89
C TYR B 18 -36.36 11.48 8.91
N TYR B 19 -36.58 12.56 8.16
CA TYR B 19 -37.89 13.24 8.16
C TYR B 19 -38.92 12.44 7.35
N VAL B 20 -40.07 12.15 7.97
CA VAL B 20 -41.04 11.22 7.38
C VAL B 20 -42.02 11.87 6.39
N ASN B 21 -41.70 13.06 5.86
CA ASN B 21 -42.43 13.66 4.75
C ASN B 21 -41.87 13.19 3.39
N ALA B 22 -40.94 12.23 3.40
CA ALA B 22 -40.45 11.61 2.17
C ALA B 22 -40.34 10.10 2.38
N ALA B 23 -40.56 9.31 1.31
CA ALA B 23 -40.29 7.87 1.34
C ALA B 23 -38.77 7.69 1.39
N PRO B 24 -38.30 6.56 1.96
CA PRO B 24 -36.86 6.36 2.01
C PRO B 24 -36.22 6.33 0.61
N HIS B 25 -35.05 6.96 0.47
CA HIS B 25 -34.30 7.05 -0.78
C HIS B 25 -32.80 6.79 -0.54
N ILE B 26 -31.98 6.94 -1.57
CA ILE B 26 -30.54 6.62 -1.50
C ILE B 26 -29.80 7.38 -0.39
N GLY B 27 -30.13 8.66 -0.21
CA GLY B 27 -29.55 9.45 0.87
C GLY B 27 -29.65 8.83 2.27
N HIS B 28 -30.83 8.34 2.63
CA HIS B 28 -31.04 7.71 3.94
C HIS B 28 -30.31 6.35 3.99
N VAL B 29 -30.36 5.59 2.89
CA VAL B 29 -29.74 4.27 2.81
C VAL B 29 -28.22 4.39 2.97
N TYR B 30 -27.65 5.41 2.33
CA TYR B 30 -26.22 5.67 2.40
C TYR B 30 -25.75 6.02 3.81
N SER B 31 -26.45 6.95 4.47
CA SER B 31 -26.10 7.36 5.83
C SER B 31 -26.17 6.19 6.78
N THR B 32 -27.27 5.44 6.70
CA THR B 32 -27.45 4.30 7.57
C THR B 32 -26.47 3.16 7.23
N LEU B 33 -26.05 3.04 5.97
CA LEU B 33 -25.03 2.06 5.60
C LEU B 33 -23.70 2.32 6.30
N ILE B 34 -23.28 3.57 6.26
CA ILE B 34 -22.06 3.99 6.93
C ILE B 34 -22.14 3.65 8.42
N THR B 35 -23.29 3.98 9.02
CA THR B 35 -23.53 3.71 10.42
C THR B 35 -23.41 2.20 10.69
N ASP B 36 -24.02 1.42 9.81
CA ASP B 36 -24.03 -0.03 9.95
C ASP B 36 -22.65 -0.63 9.87
N VAL B 37 -21.88 -0.15 8.89
CA VAL B 37 -20.51 -0.62 8.69
C VAL B 37 -19.64 -0.34 9.90
N ILE B 38 -19.70 0.88 10.40
CA ILE B 38 -18.92 1.24 11.55
C ILE B 38 -19.30 0.29 12.69
N GLY B 39 -20.59 0.10 12.91
CA GLY B 39 -21.05 -0.81 13.94
C GLY B 39 -20.53 -2.23 13.77
N ARG B 40 -20.61 -2.74 12.54
CA ARG B 40 -20.18 -4.10 12.25
C ARG B 40 -18.69 -4.24 12.51
N TYR B 41 -17.90 -3.24 12.11
CA TYR B 41 -16.46 -3.31 12.34
C TYR B 41 -16.15 -3.45 13.83
N HIS B 42 -16.83 -2.64 14.65
CA HIS B 42 -16.58 -2.71 16.08
C HIS B 42 -17.07 -4.02 16.71
N ARG B 43 -18.14 -4.61 16.16
CA ARG B 43 -18.57 -5.93 16.61
C ARG B 43 -17.56 -7.01 16.21
N VAL B 44 -17.02 -6.91 15.00
CA VAL B 44 -16.03 -7.87 14.52
C VAL B 44 -14.73 -7.74 15.32
N LYS B 45 -14.44 -6.52 15.76
CA LYS B 45 -13.31 -6.23 16.64
C LYS B 45 -13.47 -6.82 18.05
N GLY B 46 -14.70 -7.21 18.41
CA GLY B 46 -14.99 -7.88 19.67
C GLY B 46 -15.56 -6.96 20.74
N GLU B 47 -15.97 -5.76 20.34
CA GLU B 47 -16.50 -4.79 21.28
C GLU B 47 -18.01 -4.93 21.41
N ARG B 48 -18.54 -4.47 22.52
CA ARG B 48 -19.97 -4.26 22.63
C ARG B 48 -20.35 -3.06 21.74
N VAL B 49 -21.50 -3.14 21.07
CA VAL B 49 -21.92 -2.12 20.13
C VAL B 49 -23.41 -1.80 20.25
N PHE B 50 -23.73 -0.52 20.09
CA PHE B 50 -25.10 -0.08 19.96
C PHE B 50 -25.18 0.88 18.77
N ALA B 51 -25.85 0.43 17.71
CA ALA B 51 -26.02 1.23 16.51
C ALA B 51 -27.47 1.67 16.44
N LEU B 52 -27.65 2.96 16.15
CA LEU B 52 -28.93 3.62 16.26
C LEU B 52 -29.25 4.32 14.96
N THR B 53 -30.49 4.15 14.51
CA THR B 53 -31.05 4.94 13.41
C THR B 53 -32.51 5.19 13.76
N GLY B 54 -33.23 5.95 12.93
CA GLY B 54 -34.65 6.14 13.14
C GLY B 54 -35.28 7.30 12.37
N THR B 55 -36.41 7.79 12.86
CA THR B 55 -37.23 8.75 12.11
C THR B 55 -37.64 9.98 12.93
N ASP B 56 -37.64 11.12 12.24
CA ASP B 56 -37.93 12.44 12.80
C ASP B 56 -39.39 12.71 12.39
N GLU B 57 -40.31 12.69 13.37
CA GLU B 57 -41.76 12.58 13.07
C GLU B 57 -42.69 13.82 13.28
N HIS B 58 -42.20 14.80 14.03
CA HIS B 58 -43.01 15.96 14.36
C HIS B 58 -42.85 17.08 13.32
N GLY B 59 -43.63 18.15 13.50
CA GLY B 59 -43.50 19.34 12.68
C GLY B 59 -44.59 19.65 11.66
N GLN B 60 -44.52 20.88 11.17
CA GLN B 60 -45.47 21.43 10.21
C GLN B 60 -45.61 20.61 8.94
N LYS B 61 -44.47 20.37 8.30
CA LYS B 61 -44.51 19.73 7.01
C LYS B 61 -45.06 18.32 7.10
N VAL B 62 -44.72 17.56 8.15
CA VAL B 62 -45.30 16.22 8.33
C VAL B 62 -46.83 16.31 8.48
N ALA B 63 -47.30 17.17 9.38
CA ALA B 63 -48.73 17.33 9.62
C ALA B 63 -49.53 17.79 8.40
N GLU B 64 -48.92 18.64 7.57
CA GLU B 64 -49.54 19.04 6.31
C GLU B 64 -49.58 17.86 5.33
N ALA B 65 -48.52 17.06 5.30
CA ALA B 65 -48.48 15.85 4.47
C ALA B 65 -49.62 14.91 4.85
N ALA B 66 -49.74 14.64 6.15
CA ALA B 66 -50.86 13.86 6.69
C ALA B 66 -52.21 14.38 6.22
N LYS B 67 -52.43 15.69 6.37
CA LYS B 67 -53.68 16.33 5.97
C LYS B 67 -53.98 16.12 4.49
N GLN B 68 -52.93 16.22 3.66
CA GLN B 68 -53.09 16.01 2.21
C GLN B 68 -53.56 14.59 1.90
N LYS B 69 -52.97 13.60 2.59
CA LYS B 69 -53.40 12.21 2.45
C LYS B 69 -54.68 11.91 3.22
N GLN B 70 -55.22 12.89 3.93
CA GLN B 70 -56.47 12.74 4.69
C GLN B 70 -56.41 11.60 5.72
N VAL B 71 -55.31 11.58 6.47
CA VAL B 71 -55.11 10.63 7.54
C VAL B 71 -54.56 11.37 8.76
N SER B 72 -54.66 10.75 9.93
CA SER B 72 -54.14 11.37 11.15
C SER B 72 -52.61 11.42 11.09
N PRO B 73 -51.99 12.46 11.67
CA PRO B 73 -50.53 12.51 11.73
C PRO B 73 -49.92 11.24 12.33
N TYR B 74 -50.56 10.72 13.37
CA TYR B 74 -50.15 9.50 14.05
C TYR B 74 -50.12 8.31 13.06
N ASP B 75 -51.18 8.14 12.29
CA ASP B 75 -51.23 7.07 11.28
C ASP B 75 -50.20 7.29 10.16
N PHE B 76 -50.09 8.52 9.69
CA PHE B 76 -49.16 8.85 8.61
C PHE B 76 -47.72 8.53 8.98
N THR B 77 -47.32 9.00 10.15
CA THR B 77 -45.95 8.80 10.62
C THR B 77 -45.69 7.33 10.92
N THR B 78 -46.67 6.62 11.47
CA THR B 78 -46.49 5.19 11.73
C THR B 78 -46.28 4.42 10.41
N ALA B 79 -47.04 4.78 9.38
CA ALA B 79 -46.89 4.15 8.07
C ALA B 79 -45.49 4.41 7.46
N VAL B 80 -45.08 5.67 7.41
CA VAL B 80 -43.80 6.02 6.76
C VAL B 80 -42.64 5.45 7.55
N ALA B 81 -42.75 5.48 8.87
CA ALA B 81 -41.77 4.81 9.70
C ALA B 81 -41.67 3.33 9.33
N GLY B 82 -42.81 2.69 9.13
CA GLY B 82 -42.88 1.33 8.62
C GLY B 82 -42.13 1.13 7.31
N GLU B 83 -42.25 2.07 6.38
CA GLU B 83 -41.49 2.03 5.12
C GLU B 83 -39.98 2.11 5.36
N PHE B 84 -39.55 2.97 6.28
CA PHE B 84 -38.14 3.08 6.60
C PHE B 84 -37.63 1.77 7.20
N LYS B 85 -38.37 1.23 8.16
CA LYS B 85 -37.99 -0.04 8.79
C LYS B 85 -37.84 -1.15 7.76
N LYS B 86 -38.81 -1.23 6.84
CA LYS B 86 -38.79 -2.26 5.82
C LYS B 86 -37.57 -2.07 4.93
N CYS B 87 -37.32 -0.83 4.49
CA CYS B 87 -36.18 -0.53 3.63
C CYS B 87 -34.86 -0.98 4.23
N PHE B 88 -34.69 -0.74 5.52
CA PHE B 88 -33.46 -1.10 6.22
C PHE B 88 -33.38 -2.61 6.46
N GLU B 89 -34.52 -3.27 6.64
CA GLU B 89 -34.56 -4.73 6.68
C GLU B 89 -34.15 -5.29 5.31
N GLN B 90 -34.73 -4.75 4.24
CA GLN B 90 -34.41 -5.21 2.88
C GLN B 90 -32.92 -5.02 2.55
N MET B 91 -32.35 -3.90 3.01
CA MET B 91 -30.94 -3.61 2.80
C MET B 91 -30.00 -4.47 3.65
N ASP B 92 -30.56 -5.24 4.57
CA ASP B 92 -29.79 -6.20 5.35
C ASP B 92 -28.77 -5.51 6.26
N TYR B 93 -29.22 -4.46 6.94
CA TYR B 93 -28.43 -3.81 7.96
C TYR B 93 -28.52 -4.57 9.29
N SER B 94 -27.69 -4.16 10.25
CA SER B 94 -27.72 -4.76 11.57
C SER B 94 -27.69 -3.64 12.60
N ILE B 95 -28.73 -2.84 12.55
CA ILE B 95 -28.90 -1.71 13.43
C ILE B 95 -29.61 -2.21 14.67
N ASP B 96 -29.13 -1.81 15.84
CA ASP B 96 -29.62 -2.34 17.10
C ASP B 96 -30.98 -1.79 17.53
N TYR B 97 -31.28 -0.53 17.17
CA TYR B 97 -32.55 0.07 17.56
C TYR B 97 -32.99 1.16 16.57
N PHE B 98 -34.29 1.20 16.34
CA PHE B 98 -34.91 2.11 15.42
C PHE B 98 -35.78 3.06 16.25
N ILE B 99 -35.32 4.29 16.43
CA ILE B 99 -36.01 5.22 17.31
C ILE B 99 -36.99 6.09 16.52
N ARG B 100 -38.12 6.38 17.14
CA ARG B 100 -39.11 7.28 16.57
C ARG B 100 -39.37 8.40 17.56
N THR B 101 -39.38 9.65 17.08
CA THR B 101 -39.52 10.80 17.98
C THR B 101 -40.92 10.90 18.58
N THR B 102 -41.88 10.14 18.07
CA THR B 102 -43.21 10.04 18.70
C THR B 102 -43.21 9.15 19.94
N ASN B 103 -42.14 8.41 20.15
CA ASN B 103 -42.06 7.53 21.30
C ASN B 103 -42.16 8.37 22.59
N GLU B 104 -42.98 7.90 23.52
CA GLU B 104 -43.21 8.60 24.78
C GLU B 104 -41.93 8.75 25.60
N GLN B 105 -41.06 7.75 25.57
CA GLN B 105 -39.80 7.80 26.31
C GLN B 105 -38.91 8.92 25.77
N HIS B 106 -38.80 9.01 24.45
CA HIS B 106 -38.10 10.13 23.82
C HIS B 106 -38.62 11.50 24.26
N LYS B 107 -39.94 11.64 24.27
CA LYS B 107 -40.59 12.89 24.69
C LYS B 107 -40.22 13.28 26.13
N ALA B 108 -40.14 12.28 27.01
CA ALA B 108 -39.74 12.46 28.40
C ALA B 108 -38.31 13.01 28.50
N VAL B 109 -37.43 12.48 27.65
CA VAL B 109 -36.05 12.87 27.65
C VAL B 109 -35.96 14.28 27.11
N VAL B 110 -36.71 14.58 26.03
CA VAL B 110 -36.73 15.94 25.49
C VAL B 110 -37.12 16.92 26.59
N LYS B 111 -38.16 16.57 27.35
CA LYS B 111 -38.60 17.39 28.47
C LYS B 111 -37.53 17.58 29.52
N GLU B 112 -36.87 16.48 29.92
CA GLU B 112 -35.80 16.54 30.92
C GLU B 112 -34.69 17.47 30.45
N LEU B 113 -34.28 17.32 29.21
CA LEU B 113 -33.19 18.12 28.69
C LEU B 113 -33.61 19.59 28.61
N TRP B 114 -34.79 19.86 28.05
CA TRP B 114 -35.33 21.21 28.03
C TRP B 114 -35.25 21.82 29.42
N THR B 115 -35.78 21.12 30.40
CA THR B 115 -35.91 21.65 31.76
C THR B 115 -34.54 21.93 32.39
N LYS B 116 -33.57 21.06 32.11
CA LYS B 116 -32.21 21.27 32.56
C LYS B 116 -31.67 22.58 31.97
N LEU B 117 -31.84 22.74 30.66
CA LEU B 117 -31.35 23.96 30.01
C LEU B 117 -32.04 25.22 30.55
N GLU B 118 -33.32 25.12 30.86
CA GLU B 118 -34.08 26.25 31.38
C GLU B 118 -33.60 26.62 32.79
N GLN B 119 -33.44 25.60 33.65
CA GLN B 119 -32.97 25.81 35.03
C GLN B 119 -31.57 26.42 35.10
N LYS B 120 -30.71 26.02 34.17
CA LYS B 120 -29.37 26.58 34.07
C LYS B 120 -29.37 28.06 33.62
N GLY B 121 -30.49 28.56 33.13
CA GLY B 121 -30.59 29.94 32.67
C GLY B 121 -30.22 30.10 31.20
N ASP B 122 -30.17 28.98 30.46
CA ASP B 122 -29.74 28.99 29.06
C ASP B 122 -30.91 28.97 28.07
N ILE B 123 -32.13 28.73 28.58
CA ILE B 123 -33.34 29.00 27.82
C ILE B 123 -34.11 30.00 28.61
N TYR B 124 -34.49 31.08 27.94
CA TYR B 124 -35.34 32.09 28.55
C TYR B 124 -36.54 32.43 27.66
N LEU B 125 -37.60 32.92 28.28
CA LEU B 125 -38.81 33.25 27.55
C LEU B 125 -38.70 34.71 27.12
N GLY B 126 -38.86 34.97 25.83
CA GLY B 126 -38.87 36.35 25.33
C GLY B 126 -40.04 36.66 24.43
N ARG B 127 -40.44 37.93 24.39
CA ARG B 127 -41.42 38.39 23.41
C ARG B 127 -40.68 38.86 22.15
N TYR B 128 -40.94 38.19 21.03
CA TYR B 128 -40.34 38.57 19.76
C TYR B 128 -41.31 39.52 19.08
N GLU B 129 -40.82 40.67 18.66
CA GLU B 129 -41.60 41.65 17.91
C GLU B 129 -40.82 41.91 16.62
N GLY B 130 -41.31 41.39 15.51
CA GLY B 130 -40.58 41.46 14.24
C GLY B 130 -41.24 40.66 13.12
N TRP B 131 -40.58 40.58 11.98
CA TRP B 131 -41.13 39.86 10.84
C TRP B 131 -40.95 38.36 11.00
N TYR B 132 -41.86 37.60 10.37
CA TYR B 132 -41.85 36.15 10.44
C TYR B 132 -42.42 35.55 9.16
N SER B 133 -41.67 34.63 8.57
CA SER B 133 -42.14 33.84 7.43
C SER B 133 -42.69 32.51 7.95
N ILE B 134 -44.02 32.34 7.88
CA ILE B 134 -44.66 31.11 8.33
C ILE B 134 -44.27 29.93 7.45
N SER B 135 -44.08 30.19 6.15
CA SER B 135 -43.73 29.14 5.18
C SER B 135 -42.31 28.58 5.40
N ASP B 136 -41.41 29.42 5.91
CA ASP B 136 -40.04 29.00 6.21
C ASP B 136 -39.82 28.81 7.71
N GLU B 137 -40.87 29.04 8.51
CA GLU B 137 -40.79 29.01 9.97
C GLU B 137 -39.58 29.80 10.45
N SER B 138 -39.38 30.97 9.83
CA SER B 138 -38.15 31.73 9.97
C SER B 138 -38.41 33.14 10.44
N PHE B 139 -37.69 33.55 11.47
CA PHE B 139 -37.68 34.94 11.91
C PHE B 139 -36.76 35.75 10.98
N LEU B 140 -37.20 36.94 10.60
CA LEU B 140 -36.47 37.77 9.65
C LEU B 140 -36.32 39.19 10.15
N THR B 141 -35.17 39.80 9.88
CA THR B 141 -34.95 41.21 10.19
C THR B 141 -35.53 42.08 9.08
N PRO B 142 -35.70 43.38 9.33
CA PRO B 142 -36.25 44.28 8.29
C PRO B 142 -35.44 44.37 6.99
N GLN B 143 -34.13 44.06 7.06
CA GLN B 143 -33.28 44.09 5.86
C GLN B 143 -33.48 42.83 5.01
N ASN B 144 -34.13 41.80 5.56
CA ASN B 144 -34.45 40.57 4.81
C ASN B 144 -35.89 40.52 4.26
N ILE B 145 -36.60 41.65 4.28
CA ILE B 145 -37.97 41.76 3.75
C ILE B 145 -37.95 42.71 2.54
N THR B 146 -38.94 42.55 1.64
CA THR B 146 -39.15 43.42 0.49
C THR B 146 -40.62 43.41 0.09
N ASP B 147 -40.96 44.16 -0.95
CA ASP B 147 -42.33 44.24 -1.45
C ASP B 147 -42.59 43.20 -2.54
N GLY B 148 -43.81 42.67 -2.60
CA GLY B 148 -44.19 41.70 -3.65
C GLY B 148 -45.41 40.83 -3.33
N LYS B 157 -45.73 42.31 1.57
CA LYS B 157 -44.46 42.08 2.26
C LYS B 157 -44.00 40.62 2.12
N VAL B 158 -42.80 40.40 1.60
CA VAL B 158 -42.29 39.04 1.35
C VAL B 158 -40.84 38.89 1.79
N SER B 159 -40.40 37.64 1.98
CA SER B 159 -39.01 37.35 2.32
C SER B 159 -38.10 37.59 1.11
N LEU B 160 -36.97 38.24 1.33
CA LEU B 160 -35.95 38.39 0.29
C LEU B 160 -35.36 37.04 -0.11
N GLU B 161 -35.20 36.15 0.87
CA GLU B 161 -34.58 34.84 0.64
C GLU B 161 -35.50 33.94 -0.19
N SER B 162 -36.72 33.72 0.30
CA SER B 162 -37.61 32.69 -0.26
C SER B 162 -38.76 33.21 -1.12
N GLY B 163 -39.13 34.48 -0.95
CA GLY B 163 -40.25 35.06 -1.69
C GLY B 163 -41.62 34.84 -1.04
N HIS B 164 -41.64 34.14 0.09
CA HIS B 164 -42.90 33.85 0.78
C HIS B 164 -43.36 35.05 1.60
N VAL B 165 -44.66 35.13 1.82
CA VAL B 165 -45.28 36.25 2.53
C VAL B 165 -44.82 36.28 3.98
N VAL B 166 -44.45 37.46 4.47
CA VAL B 166 -44.06 37.65 5.86
C VAL B 166 -45.13 38.45 6.61
N THR B 167 -45.15 38.29 7.92
CA THR B 167 -46.11 38.98 8.77
C THR B 167 -45.40 39.53 9.99
N TRP B 168 -45.89 40.66 10.50
CA TRP B 168 -45.35 41.23 11.72
C TRP B 168 -46.01 40.53 12.90
N VAL B 169 -45.18 39.94 13.76
CA VAL B 169 -45.69 39.20 14.90
C VAL B 169 -45.20 39.84 16.18
N SER B 170 -46.02 39.73 17.22
CA SER B 170 -45.62 40.04 18.57
C SER B 170 -46.04 38.83 19.37
N GLU B 171 -45.09 37.92 19.57
CA GLU B 171 -45.37 36.54 19.97
C GLU B 171 -44.29 36.07 20.93
N GLU B 172 -44.73 35.52 22.05
CA GLU B 172 -43.79 34.85 22.95
C GLU B 172 -43.04 33.71 22.26
N ASN B 173 -41.75 33.59 22.58
CA ASN B 173 -40.89 32.56 22.03
C ASN B 173 -39.73 32.22 22.96
N TYR B 174 -39.41 30.93 23.07
CA TYR B 174 -38.22 30.49 23.80
C TYR B 174 -36.92 30.47 22.96
N MET B 175 -35.87 31.07 23.53
CA MET B 175 -34.57 31.19 22.87
C MET B 175 -33.52 30.48 23.73
N PHE B 176 -32.65 29.73 23.07
CA PHE B 176 -31.46 29.14 23.70
C PHE B 176 -30.25 30.06 23.49
N ARG B 177 -29.50 30.32 24.56
CA ARG B 177 -28.42 31.32 24.56
C ARG B 177 -27.14 30.79 23.89
N LEU B 178 -27.26 30.46 22.61
CA LEU B 178 -26.14 29.86 21.90
C LEU B 178 -24.90 30.76 21.89
N SER B 179 -25.13 32.08 21.79
CA SER B 179 -24.05 33.06 21.74
C SER B 179 -23.08 32.93 22.90
N ALA B 180 -23.59 32.53 24.06
CA ALA B 180 -22.76 32.36 25.25
C ALA B 180 -21.84 31.14 25.20
N PHE B 181 -21.96 30.31 24.16
CA PHE B 181 -21.18 29.05 24.08
C PHE B 181 -20.00 29.08 23.10
N ARG B 182 -19.79 30.23 22.46
CA ARG B 182 -18.74 30.38 21.47
C ARG B 182 -17.36 29.93 21.97
N GLU B 183 -16.90 30.48 23.10
CA GLU B 183 -15.55 30.17 23.61
C GLU B 183 -15.40 28.68 23.98
N ARG B 184 -16.40 28.13 24.67
CA ARG B 184 -16.37 26.73 25.04
C ARG B 184 -16.38 25.77 23.84
N LEU B 185 -17.14 26.10 22.80
CA LEU B 185 -17.13 25.28 21.58
C LEU B 185 -15.77 25.32 20.91
N LEU B 186 -15.21 26.52 20.77
CA LEU B 186 -13.88 26.65 20.21
C LEU B 186 -12.84 25.86 21.01
N GLU B 187 -12.90 25.96 22.35
CA GLU B 187 -12.02 25.15 23.20
C GLU B 187 -12.15 23.66 22.88
N TRP B 188 -13.38 23.19 22.69
CA TRP B 188 -13.62 21.78 22.40
C TRP B 188 -13.04 21.35 21.04
N TYR B 189 -13.31 22.12 20.00
CA TYR B 189 -12.78 21.84 18.67
C TYR B 189 -11.25 21.71 18.71
N HIS B 190 -10.59 22.64 19.41
CA HIS B 190 -9.13 22.71 19.43
C HIS B 190 -8.49 21.66 20.33
N ALA B 191 -9.16 21.27 21.40
CA ALA B 191 -8.66 20.21 22.28
C ALA B 191 -8.89 18.84 21.68
N ASN B 192 -9.80 18.75 20.70
CA ASN B 192 -10.15 17.49 20.07
C ASN B 192 -10.14 17.63 18.58
N PRO B 193 -8.93 17.81 18.01
CA PRO B 193 -8.81 18.15 16.59
C PRO B 193 -9.19 17.03 15.61
N GLY B 194 -9.57 15.86 16.12
CA GLY B 194 -10.17 14.84 15.26
C GLY B 194 -11.69 14.69 15.44
N CYS B 195 -12.34 15.60 16.18
CA CYS B 195 -13.74 15.43 16.55
C CYS B 195 -14.72 15.66 15.38
N ILE B 196 -14.26 16.30 14.31
CA ILE B 196 -15.06 16.47 13.10
C ILE B 196 -14.26 16.04 11.89
N VAL B 197 -14.91 15.28 11.01
CA VAL B 197 -14.26 14.65 9.88
C VAL B 197 -15.22 14.74 8.68
N PRO B 198 -14.72 14.98 7.48
CA PRO B 198 -13.30 15.21 7.20
C PRO B 198 -12.81 16.61 7.60
N GLU B 199 -11.50 16.78 7.53
CA GLU B 199 -10.82 17.89 8.15
C GLU B 199 -11.31 19.25 7.63
N PHE B 200 -11.56 19.36 6.32
CA PHE B 200 -11.97 20.67 5.78
C PHE B 200 -13.34 21.10 6.33
N ARG B 201 -14.15 20.12 6.75
CA ARG B 201 -15.45 20.42 7.34
C ARG B 201 -15.26 20.88 8.76
N ARG B 202 -14.28 20.30 9.45
CA ARG B 202 -13.91 20.80 10.77
C ARG B 202 -13.49 22.27 10.69
N ARG B 203 -12.65 22.61 9.72
CA ARG B 203 -12.18 23.97 9.55
C ARG B 203 -13.37 24.92 9.30
N GLU B 204 -14.33 24.50 8.46
CA GLU B 204 -15.55 25.29 8.21
C GLU B 204 -16.30 25.62 9.49
N VAL B 205 -16.47 24.63 10.36
CA VAL B 205 -17.20 24.82 11.60
C VAL B 205 -16.51 25.82 12.50
N ILE B 206 -15.20 25.64 12.69
CA ILE B 206 -14.41 26.55 13.53
C ILE B 206 -14.51 27.98 12.97
N ARG B 207 -14.37 28.12 11.66
CA ARG B 207 -14.48 29.42 11.02
C ARG B 207 -15.80 30.10 11.36
N ALA B 208 -16.90 29.35 11.25
CA ALA B 208 -18.24 29.86 11.53
C ALA B 208 -18.41 30.30 12.97
N VAL B 209 -17.92 29.49 13.91
CA VAL B 209 -18.04 29.83 15.33
C VAL B 209 -17.15 31.02 15.72
N GLU B 210 -15.96 31.12 15.12
CA GLU B 210 -15.07 32.28 15.35
C GLU B 210 -15.78 33.60 15.03
N LYS B 211 -16.52 33.64 13.92
CA LYS B 211 -17.27 34.83 13.50
C LYS B 211 -18.29 35.28 14.53
N GLY B 212 -18.80 34.34 15.33
CA GLY B 212 -19.72 34.65 16.40
C GLY B 212 -20.99 33.88 16.18
N LEU B 213 -21.76 33.73 17.25
CA LEU B 213 -22.97 32.93 17.21
C LEU B 213 -24.17 33.71 17.69
N PRO B 214 -25.28 33.62 16.95
CA PRO B 214 -26.54 34.20 17.45
C PRO B 214 -27.22 33.22 18.39
N ASP B 215 -28.14 33.72 19.21
CA ASP B 215 -28.98 32.84 20.01
C ASP B 215 -29.91 32.09 19.06
N LEU B 216 -30.47 30.99 19.55
CA LEU B 216 -31.22 30.07 18.70
C LEU B 216 -32.64 29.89 19.22
N SER B 217 -33.62 30.09 18.35
CA SER B 217 -35.02 29.86 18.69
C SER B 217 -35.28 28.35 18.79
N VAL B 218 -35.74 27.93 19.97
CA VAL B 218 -35.98 26.50 20.25
C VAL B 218 -37.47 26.13 20.45
N SER B 219 -38.38 27.09 20.27
CA SER B 219 -39.84 26.81 20.31
C SER B 219 -40.62 27.50 19.18
N ARG B 220 -41.85 27.05 18.94
CA ARG B 220 -42.80 27.73 18.06
C ARG B 220 -44.20 27.67 18.68
N ALA B 221 -45.04 28.63 18.34
CA ALA B 221 -46.46 28.60 18.73
C ALA B 221 -47.12 27.32 18.21
N ARG B 222 -48.00 26.73 19.00
CA ARG B 222 -48.60 25.44 18.64
C ARG B 222 -49.41 25.45 17.31
N ALA B 223 -50.15 26.52 17.06
CA ALA B 223 -50.92 26.64 15.81
C ALA B 223 -50.03 26.51 14.56
N THR B 224 -48.85 27.13 14.62
CA THR B 224 -47.89 27.10 13.52
C THR B 224 -47.54 25.68 13.09
N LEU B 225 -47.45 24.78 14.07
CA LEU B 225 -47.12 23.38 13.80
C LEU B 225 -48.33 22.43 13.76
N HIS B 226 -49.54 22.99 13.68
CA HIS B 226 -50.77 22.18 13.73
C HIS B 226 -50.79 21.22 14.93
N ASN B 227 -50.24 21.69 16.05
CA ASN B 227 -50.19 20.91 17.27
C ASN B 227 -49.53 19.53 17.15
N TRP B 228 -48.66 19.35 16.16
CA TRP B 228 -47.98 18.09 15.96
C TRP B 228 -46.49 18.22 16.35
N ALA B 229 -46.25 18.18 17.67
CA ALA B 229 -44.94 18.46 18.26
C ALA B 229 -44.98 18.22 19.76
N ILE B 230 -43.81 18.29 20.40
CA ILE B 230 -43.71 18.06 21.85
C ILE B 230 -44.00 19.36 22.58
N PRO B 231 -44.94 19.37 23.53
CA PRO B 231 -45.21 20.60 24.28
C PRO B 231 -44.04 21.05 25.14
N VAL B 232 -43.84 22.35 25.21
CA VAL B 232 -42.83 22.93 26.09
C VAL B 232 -43.30 22.67 27.52
N PRO B 233 -42.44 22.04 28.35
CA PRO B 233 -42.80 21.77 29.74
C PRO B 233 -43.23 23.05 30.46
N GLY B 234 -44.43 23.01 31.04
CA GLY B 234 -44.96 24.14 31.77
C GLY B 234 -45.57 25.24 30.90
N ASN B 235 -45.66 25.02 29.59
CA ASN B 235 -46.28 26.00 28.70
C ASN B 235 -46.87 25.34 27.45
N PRO B 236 -48.09 24.81 27.59
CA PRO B 236 -48.79 24.13 26.51
C PRO B 236 -49.06 24.96 25.26
N ASP B 237 -48.92 26.29 25.33
CA ASP B 237 -49.07 27.14 24.13
C ASP B 237 -47.90 27.05 23.17
N HIS B 238 -46.79 26.44 23.61
CA HIS B 238 -45.55 26.36 22.84
C HIS B 238 -45.07 24.96 22.64
N VAL B 240 -41.79 22.35 21.27
CA VAL B 240 -40.35 22.23 21.12
C VAL B 240 -40.04 22.18 19.63
N TYR B 241 -39.14 23.05 19.18
CA TYR B 241 -38.86 23.06 17.76
C TYR B 241 -37.90 21.86 17.40
N VAL B 242 -37.51 21.77 16.13
CA VAL B 242 -36.69 20.64 15.67
C VAL B 242 -35.41 20.45 16.49
N TRP B 243 -34.77 21.53 16.88
CA TRP B 243 -33.45 21.41 17.49
C TRP B 243 -33.44 20.45 18.70
N LEU B 244 -34.23 20.76 19.73
CA LEU B 244 -34.19 19.98 20.96
C LEU B 244 -35.01 18.69 20.88
N ASP B 245 -35.86 18.55 19.88
CA ASP B 245 -36.55 17.30 19.64
C ASP B 245 -35.65 16.27 18.94
N ALA B 246 -35.28 16.55 17.70
CA ALA B 246 -34.58 15.58 16.87
C ALA B 246 -33.18 15.19 17.39
N LEU B 247 -32.36 16.18 17.72
CA LEU B 247 -31.00 15.90 18.17
C LEU B 247 -30.99 15.09 19.46
N THR B 248 -32.00 15.29 20.28
CA THR B 248 -32.09 14.59 21.55
C THR B 248 -32.26 13.08 21.39
N ASN B 249 -32.65 12.63 20.19
CA ASN B 249 -32.84 11.21 19.93
C ASN B 249 -31.61 10.38 20.35
N TYR B 250 -30.42 10.94 20.13
CA TYR B 250 -29.19 10.25 20.47
C TYR B 250 -29.09 10.00 21.97
N LEU B 251 -29.52 10.97 22.76
CA LEU B 251 -29.56 10.84 24.21
C LEU B 251 -30.60 9.79 24.64
N THR B 252 -31.80 9.90 24.07
CA THR B 252 -32.84 8.91 24.34
C THR B 252 -32.35 7.49 24.02
N GLY B 253 -31.84 7.31 22.81
CA GLY B 253 -31.39 6.01 22.36
C GLY B 253 -30.35 5.43 23.31
N SER B 254 -29.47 6.29 23.80
CA SER B 254 -28.42 5.87 24.74
C SER B 254 -28.97 5.40 26.07
N ARG B 255 -30.24 5.65 26.32
CA ARG B 255 -30.88 5.33 27.59
C ARG B 255 -32.00 4.29 27.53
N LEU B 256 -32.27 3.73 26.36
CA LEU B 256 -33.34 2.73 26.22
C LEU B 256 -32.81 1.30 26.36
N ARG B 257 -33.40 0.53 27.25
CA ARG B 257 -33.18 -0.92 27.24
C ARG B 257 -34.05 -1.55 26.18
N VAL B 258 -33.46 -2.43 25.37
CA VAL B 258 -34.13 -3.04 24.23
C VAL B 258 -34.16 -4.56 24.39
N ASP B 259 -35.31 -5.17 24.12
CA ASP B 259 -35.46 -6.64 24.21
C ASP B 259 -34.91 -7.34 22.97
N GLU B 260 -35.03 -8.67 22.92
CA GLU B 260 -34.59 -9.47 21.77
C GLU B 260 -35.25 -9.05 20.46
N SER B 261 -36.55 -8.71 20.51
CA SER B 261 -37.30 -8.34 19.31
C SER B 261 -37.03 -6.90 18.81
N GLY B 262 -36.19 -6.15 19.54
CA GLY B 262 -35.85 -4.79 19.14
C GLY B 262 -36.80 -3.73 19.66
N LYS B 263 -37.70 -4.12 20.57
CA LYS B 263 -38.66 -3.19 21.15
C LYS B 263 -38.07 -2.54 22.40
N GLU B 264 -38.32 -1.25 22.55
CA GLU B 264 -37.90 -0.47 23.71
C GLU B 264 -38.72 -0.87 24.93
N VAL B 265 -38.05 -1.26 26.00
CA VAL B 265 -38.75 -1.78 27.19
C VAL B 265 -38.62 -0.90 28.43
N SER B 266 -37.63 -0.01 28.46
CA SER B 266 -37.33 0.75 29.67
C SER B 266 -36.41 1.93 29.38
N LEU B 267 -36.69 3.06 30.02
CA LEU B 267 -35.83 4.23 29.96
C LEU B 267 -35.08 4.31 31.29
N VAL B 268 -33.76 4.27 31.24
CA VAL B 268 -32.96 4.41 32.46
C VAL B 268 -32.80 5.89 32.81
N ASP B 269 -32.60 6.16 34.10
CA ASP B 269 -32.47 7.53 34.59
C ASP B 269 -31.10 8.11 34.22
N ASP B 270 -30.07 7.31 34.38
CA ASP B 270 -28.70 7.74 34.23
C ASP B 270 -28.09 7.03 33.02
N PHE B 271 -27.71 7.81 32.01
CA PHE B 271 -27.12 7.25 30.80
C PHE B 271 -25.95 6.29 31.08
N ASN B 272 -25.15 6.59 32.10
CA ASN B 272 -24.01 5.74 32.48
C ASN B 272 -24.36 4.28 32.74
N GLU B 273 -25.63 4.04 33.07
CA GLU B 273 -26.08 2.69 33.36
C GLU B 273 -25.90 1.77 32.14
N LEU B 274 -26.06 2.32 30.93
CA LEU B 274 -25.95 1.54 29.70
C LEU B 274 -24.63 1.75 28.94
N GLU B 275 -23.78 2.64 29.43
CA GLU B 275 -22.41 2.80 28.91
C GLU B 275 -22.34 3.16 27.42
N ARG B 276 -23.33 3.89 26.92
CA ARG B 276 -23.39 4.24 25.50
C ARG B 276 -23.11 5.72 25.25
N PHE B 277 -23.79 6.60 25.98
CA PHE B 277 -23.59 8.04 25.79
C PHE B 277 -22.19 8.40 26.28
N PRO B 278 -21.49 9.32 25.61
CA PRO B 278 -21.91 9.94 24.37
C PRO B 278 -21.50 9.12 23.14
N ALA B 279 -22.00 9.51 21.98
CA ALA B 279 -21.72 8.78 20.75
C ALA B 279 -20.23 8.81 20.45
N ASP B 280 -19.71 7.65 20.06
CA ASP B 280 -18.36 7.55 19.54
C ASP B 280 -18.30 8.10 18.13
N VAL B 281 -19.33 7.84 17.34
CA VAL B 281 -19.45 8.40 16.00
C VAL B 281 -20.89 8.75 15.70
N HIS B 282 -21.13 10.02 15.35
CA HIS B 282 -22.38 10.44 14.73
C HIS B 282 -22.15 10.51 13.22
N VAL B 283 -22.86 9.72 12.45
CA VAL B 283 -22.80 9.79 10.99
C VAL B 283 -23.89 10.77 10.49
N ILE B 284 -23.51 11.72 9.65
CA ILE B 284 -24.45 12.73 9.12
C ILE B 284 -24.09 13.14 7.71
N GLY B 285 -25.05 13.72 7.02
CA GLY B 285 -24.77 14.39 5.74
C GLY B 285 -24.22 15.78 6.02
N LYS B 286 -23.46 16.31 5.06
CA LYS B 286 -22.89 17.65 5.19
C LYS B 286 -23.94 18.71 5.47
N ASP B 287 -25.16 18.51 4.98
CA ASP B 287 -26.24 19.50 5.17
C ASP B 287 -26.67 19.75 6.60
N ILE B 288 -26.35 18.85 7.53
CA ILE B 288 -26.75 19.07 8.91
C ILE B 288 -25.56 19.21 9.87
N LEU B 289 -24.40 19.55 9.33
CA LEU B 289 -23.17 19.67 10.10
C LEU B 289 -23.25 20.73 11.18
N LYS B 290 -23.82 21.91 10.86
CA LYS B 290 -23.92 22.98 11.86
C LYS B 290 -24.76 22.54 13.07
N PHE B 291 -25.81 21.78 12.82
CA PHE B 291 -26.72 21.33 13.89
C PHE B 291 -26.03 20.36 14.85
N HIS B 292 -25.16 19.52 14.30
CA HIS B 292 -24.49 18.47 15.09
C HIS B 292 -23.17 18.94 15.71
N ALA B 293 -22.48 19.86 15.04
CA ALA B 293 -21.17 20.29 15.52
C ALA B 293 -21.22 21.59 16.30
N ILE B 294 -22.37 22.27 16.29
CA ILE B 294 -22.54 23.57 16.98
C ILE B 294 -23.70 23.52 17.99
N TYR B 295 -24.94 23.37 17.51
CA TYR B 295 -26.08 23.38 18.42
C TYR B 295 -26.01 22.21 19.44
N TRP B 296 -25.84 20.99 18.94
CA TRP B 296 -25.86 19.78 19.77
C TRP B 296 -24.86 19.86 20.93
N PRO B 297 -23.58 20.11 20.63
CA PRO B 297 -22.63 20.23 21.73
C PRO B 297 -22.92 21.37 22.71
N ALA B 298 -23.46 22.49 22.20
CA ALA B 298 -23.86 23.58 23.05
C ALA B 298 -24.91 23.11 24.05
N PHE B 299 -25.92 22.38 23.56
CA PHE B 299 -26.96 21.83 24.44
C PHE B 299 -26.37 20.89 25.50
N LEU B 300 -25.40 20.10 25.09
CA LEU B 300 -24.74 19.14 26.00
C LEU B 300 -23.86 19.86 27.02
N LEU B 301 -23.24 20.94 26.57
CA LEU B 301 -22.46 21.79 27.48
C LEU B 301 -23.36 22.45 28.53
N SER B 302 -24.52 22.95 28.11
CA SER B 302 -25.44 23.57 29.04
C SER B 302 -25.85 22.56 30.11
N ALA B 303 -26.19 21.37 29.66
CA ALA B 303 -26.73 20.32 30.51
C ALA B 303 -25.69 19.60 31.37
N GLY B 304 -24.41 19.84 31.09
CA GLY B 304 -23.33 19.14 31.79
C GLY B 304 -23.17 17.70 31.33
N LEU B 305 -23.46 17.46 30.05
CA LEU B 305 -23.41 16.13 29.48
C LEU B 305 -22.15 16.00 28.67
N PRO B 306 -21.56 14.79 28.62
CA PRO B 306 -20.37 14.60 27.80
C PRO B 306 -20.63 14.76 26.30
N LEU B 307 -19.60 15.17 25.58
CA LEU B 307 -19.75 15.47 24.15
C LEU B 307 -19.35 14.26 23.32
N PRO B 308 -19.87 14.17 22.09
CA PRO B 308 -19.50 13.06 21.22
C PRO B 308 -18.01 13.07 20.87
N LYS B 309 -17.46 11.88 20.61
CA LYS B 309 -16.04 11.76 20.24
C LYS B 309 -15.81 12.30 18.84
N LYS B 310 -16.66 11.89 17.89
CA LYS B 310 -16.47 12.19 16.48
C LYS B 310 -17.79 12.41 15.76
N ILE B 311 -17.79 13.38 14.86
CA ILE B 311 -18.90 13.59 13.95
C ILE B 311 -18.33 13.46 12.54
N VAL B 312 -18.90 12.54 11.76
CA VAL B 312 -18.42 12.33 10.40
C VAL B 312 -19.51 12.76 9.42
N ALA B 313 -19.14 13.68 8.53
CA ALA B 313 -20.08 14.29 7.61
C ALA B 313 -19.73 13.94 6.17
N HIS B 314 -20.67 13.30 5.48
CA HIS B 314 -20.45 12.84 4.10
C HIS B 314 -21.14 13.74 3.05
N GLY B 315 -20.91 13.41 1.78
CA GLY B 315 -21.48 14.14 0.65
C GLY B 315 -22.79 13.57 0.10
N TRP B 316 -23.24 14.14 -1.03
CA TRP B 316 -24.45 13.68 -1.73
C TRP B 316 -24.12 12.85 -2.96
N TRP B 317 -24.99 11.91 -3.29
CA TRP B 317 -24.86 11.12 -4.52
C TRP B 317 -25.51 11.78 -5.74
N THR B 318 -24.91 11.53 -6.91
CA THR B 318 -25.50 11.81 -8.21
C THR B 318 -25.59 10.48 -8.97
N LYS B 319 -26.40 10.43 -10.03
CA LYS B 319 -26.42 9.27 -10.93
C LYS B 319 -26.18 9.73 -12.37
N ASP B 320 -25.16 9.15 -13.00
CA ASP B 320 -24.74 9.52 -14.36
C ASP B 320 -24.39 11.01 -14.47
N ARG B 321 -23.65 11.50 -13.47
CA ARG B 321 -23.20 12.89 -13.41
C ARG B 321 -24.34 13.91 -13.31
N LYS B 322 -25.53 13.47 -12.88
CA LYS B 322 -26.73 14.31 -12.82
C LYS B 322 -27.45 14.22 -11.47
N LYS B 323 -28.19 15.26 -11.15
CA LYS B 323 -29.03 15.32 -9.96
C LYS B 323 -30.02 14.15 -9.95
N ILE B 324 -30.08 13.44 -8.82
CA ILE B 324 -31.04 12.35 -8.64
C ILE B 324 -32.41 12.93 -8.32
N SER B 325 -33.44 12.46 -9.03
CA SER B 325 -34.80 12.99 -8.86
C SER B 325 -35.83 12.09 -9.57
N LYS B 326 -36.97 11.87 -8.92
CA LYS B 326 -38.09 11.16 -9.54
C LYS B 326 -38.65 11.99 -10.69
N SER B 327 -39.03 13.22 -10.38
CA SER B 327 -39.68 14.15 -11.34
C SER B 327 -38.77 14.55 -12.51
N LEU B 328 -37.47 14.71 -12.25
CA LEU B 328 -36.50 15.16 -13.28
C LEU B 328 -35.93 14.02 -14.15
N GLY B 329 -36.39 12.79 -13.93
CA GLY B 329 -36.12 11.69 -14.85
C GLY B 329 -34.84 10.92 -14.58
N ASN B 330 -34.37 10.93 -13.34
CA ASN B 330 -33.12 10.23 -12.98
C ASN B 330 -33.24 9.56 -11.60
N VAL B 331 -33.86 8.38 -11.60
CA VAL B 331 -34.08 7.62 -10.38
C VAL B 331 -32.87 6.76 -10.05
N PHE B 332 -32.52 6.70 -8.76
CA PHE B 332 -31.52 5.77 -8.25
C PHE B 332 -32.10 5.04 -7.03
N ASP B 333 -32.62 3.85 -7.30
CA ASP B 333 -33.24 3.01 -6.27
C ASP B 333 -32.23 1.98 -5.80
N PRO B 334 -31.77 2.09 -4.54
CA PRO B 334 -30.77 1.15 -4.05
C PRO B 334 -31.24 -0.30 -3.92
N VAL B 335 -32.51 -0.52 -3.59
CA VAL B 335 -33.03 -1.87 -3.51
C VAL B 335 -33.01 -2.53 -4.89
N GLU B 336 -33.42 -1.76 -5.89
CA GLU B 336 -33.46 -2.22 -7.27
C GLU B 336 -32.08 -2.60 -7.78
N LYS B 337 -31.11 -1.72 -7.55
CA LYS B 337 -29.74 -1.97 -7.99
C LYS B 337 -29.09 -3.13 -7.25
N ALA B 338 -29.46 -3.31 -5.98
CA ALA B 338 -28.97 -4.43 -5.18
C ALA B 338 -29.52 -5.76 -5.68
N GLU B 339 -30.80 -5.77 -6.06
CA GLU B 339 -31.41 -6.96 -6.67
C GLU B 339 -30.71 -7.31 -7.99
N GLU B 340 -30.29 -6.29 -8.73
CA GLU B 340 -29.61 -6.48 -10.00
C GLU B 340 -28.19 -6.97 -9.84
N PHE B 341 -27.43 -6.34 -8.94
CA PHE B 341 -25.99 -6.58 -8.84
C PHE B 341 -25.55 -7.36 -7.60
N GLY B 342 -26.42 -7.47 -6.60
CA GLY B 342 -26.06 -8.03 -5.30
C GLY B 342 -26.02 -6.97 -4.22
N TYR B 343 -26.41 -7.34 -3.01
CA TYR B 343 -26.47 -6.40 -1.91
C TYR B 343 -25.08 -6.00 -1.42
N ASP B 344 -24.24 -6.98 -1.12
CA ASP B 344 -22.87 -6.70 -0.71
C ASP B 344 -22.13 -5.89 -1.79
N ALA B 345 -22.32 -6.25 -3.05
CA ALA B 345 -21.64 -5.58 -4.15
C ALA B 345 -22.00 -4.09 -4.22
N LEU B 346 -23.29 -3.78 -4.12
CA LEU B 346 -23.74 -2.39 -4.13
C LEU B 346 -23.21 -1.62 -2.93
N LYS B 347 -23.22 -2.25 -1.77
CA LYS B 347 -22.67 -1.65 -0.56
C LYS B 347 -21.19 -1.34 -0.73
N TYR B 348 -20.44 -2.35 -1.19
CA TYR B 348 -19.03 -2.18 -1.52
C TYR B 348 -18.83 -0.97 -2.43
N PHE B 349 -19.64 -0.87 -3.46
CA PHE B 349 -19.49 0.21 -4.41
C PHE B 349 -19.73 1.58 -3.78
N LEU B 350 -20.83 1.71 -3.04
CA LEU B 350 -21.16 2.97 -2.39
C LEU B 350 -20.04 3.41 -1.44
N LEU B 351 -19.40 2.45 -0.79
CA LEU B 351 -18.36 2.74 0.19
C LEU B 351 -16.96 2.91 -0.43
N ARG B 352 -16.72 2.24 -1.55
CA ARG B 352 -15.44 2.33 -2.24
C ARG B 352 -15.39 3.49 -3.25
N GLU B 353 -16.50 3.77 -3.92
CA GLU B 353 -16.47 4.68 -5.06
C GLU B 353 -16.08 6.11 -4.66
N SER B 354 -16.55 6.55 -3.50
CA SER B 354 -16.22 7.89 -3.06
C SER B 354 -15.89 7.94 -1.57
N GLY B 355 -15.12 8.94 -1.20
CA GLY B 355 -14.83 9.23 0.20
C GLY B 355 -15.85 10.21 0.77
N PHE B 356 -15.75 10.44 2.08
CA PHE B 356 -16.67 11.31 2.77
C PHE B 356 -16.50 12.79 2.38
N SER B 357 -15.36 13.13 1.77
CA SER B 357 -15.12 14.47 1.26
C SER B 357 -15.79 14.76 -0.08
N ASP B 358 -16.26 13.73 -0.77
CA ASP B 358 -16.73 13.88 -2.13
C ASP B 358 -18.22 13.62 -2.24
N ASP B 359 -18.80 14.27 -3.25
CA ASP B 359 -20.11 13.89 -3.74
C ASP B 359 -19.91 12.77 -4.74
N GLY B 360 -20.20 11.54 -4.30
CA GLY B 360 -20.04 10.37 -5.15
C GLY B 360 -20.95 10.37 -6.36
N ASP B 361 -20.57 9.60 -7.38
CA ASP B 361 -21.36 9.43 -8.61
C ASP B 361 -21.53 7.94 -8.93
N TYR B 362 -22.79 7.51 -9.07
CA TYR B 362 -23.12 6.15 -9.46
C TYR B 362 -23.42 6.06 -10.95
N SER B 363 -22.92 5.01 -11.59
CA SER B 363 -23.37 4.60 -12.92
C SER B 363 -23.25 3.08 -13.00
N ASP B 364 -24.09 2.47 -13.83
CA ASP B 364 -24.02 1.03 -14.06
C ASP B 364 -22.64 0.62 -14.60
N LYS B 365 -22.08 1.47 -15.45
CA LYS B 365 -20.77 1.21 -16.04
C LYS B 365 -19.70 1.01 -14.95
N ASN B 366 -19.59 1.98 -14.05
CA ASN B 366 -18.53 1.94 -13.04
C ASN B 366 -18.82 0.92 -11.94
N MET B 367 -20.11 0.70 -11.69
CA MET B 367 -20.55 -0.36 -10.79
C MET B 367 -20.09 -1.73 -11.29
N ILE B 368 -20.32 -2.00 -12.57
CA ILE B 368 -19.89 -3.25 -13.19
C ILE B 368 -18.36 -3.36 -13.19
N ALA B 369 -17.70 -2.24 -13.49
CA ALA B 369 -16.25 -2.22 -13.51
C ALA B 369 -15.66 -2.66 -12.17
N ARG B 370 -16.23 -2.15 -11.09
CA ARG B 370 -15.74 -2.47 -9.75
C ARG B 370 -16.15 -3.89 -9.35
N LEU B 371 -17.35 -4.29 -9.72
CA LEU B 371 -17.81 -5.65 -9.46
C LEU B 371 -16.88 -6.66 -10.13
N ASN B 372 -16.62 -6.45 -11.42
CA ASN B 372 -15.81 -7.39 -12.19
C ASN B 372 -14.34 -7.35 -11.79
N GLY B 373 -13.79 -6.14 -11.69
CA GLY B 373 -12.36 -5.97 -11.45
C GLY B 373 -11.92 -6.25 -10.02
N GLU B 374 -12.65 -5.74 -9.04
CA GLU B 374 -12.22 -5.85 -7.65
C GLU B 374 -12.82 -7.08 -6.97
N LEU B 375 -14.15 -7.20 -7.01
CA LEU B 375 -14.83 -8.26 -6.28
C LEU B 375 -14.67 -9.64 -6.92
N ALA B 376 -14.80 -9.69 -8.24
CA ALA B 376 -14.72 -10.97 -8.96
C ALA B 376 -13.28 -11.37 -9.28
N ASP B 377 -12.58 -10.48 -9.96
CA ASP B 377 -11.21 -10.77 -10.46
C ASP B 377 -10.15 -10.74 -9.38
N THR B 378 -10.27 -9.85 -8.40
CA THR B 378 -9.25 -9.75 -7.37
C THR B 378 -9.58 -10.65 -6.19
N LEU B 379 -10.79 -10.52 -5.64
CA LEU B 379 -11.15 -11.25 -4.43
C LEU B 379 -11.68 -12.65 -4.72
N GLY B 380 -12.70 -12.72 -5.57
CA GLY B 380 -13.34 -14.00 -5.88
C GLY B 380 -12.41 -15.02 -6.50
N ASN B 381 -11.68 -14.57 -7.52
CA ASN B 381 -10.62 -15.36 -8.15
C ASN B 381 -9.68 -16.01 -7.15
N LEU B 382 -9.19 -15.20 -6.21
CA LEU B 382 -8.23 -15.66 -5.22
C LEU B 382 -8.84 -16.73 -4.32
N VAL B 383 -10.09 -16.50 -3.93
CA VAL B 383 -10.81 -17.43 -3.06
C VAL B 383 -10.96 -18.79 -3.75
N MET B 384 -11.32 -18.79 -5.02
CA MET B 384 -11.48 -20.03 -5.76
C MET B 384 -10.14 -20.76 -5.91
N ARG B 385 -9.09 -20.02 -6.26
CA ARG B 385 -7.76 -20.62 -6.45
C ARG B 385 -7.26 -21.38 -5.22
N CYS B 386 -7.36 -20.79 -4.04
CA CYS B 386 -6.78 -21.40 -2.85
C CYS B 386 -7.65 -22.50 -2.26
N THR B 387 -8.91 -22.55 -2.67
CA THR B 387 -9.83 -23.62 -2.25
C THR B 387 -10.07 -24.66 -3.35
N SER B 388 -9.54 -24.40 -4.55
CA SER B 388 -9.71 -25.29 -5.70
C SER B 388 -9.15 -26.70 -5.45
N ALA B 389 -9.86 -27.71 -5.93
CA ALA B 389 -9.41 -29.11 -5.83
C ALA B 389 -8.13 -29.38 -6.63
N LYS B 390 -7.96 -28.64 -7.73
CA LYS B 390 -6.76 -28.74 -8.58
C LYS B 390 -5.50 -28.37 -7.79
N ILE B 391 -5.58 -27.32 -6.99
CA ILE B 391 -4.42 -26.78 -6.29
C ILE B 391 -4.34 -27.28 -4.86
N ASN B 392 -5.45 -27.19 -4.14
CA ASN B 392 -5.56 -27.67 -2.77
C ASN B 392 -6.13 -29.08 -2.81
N VAL B 393 -5.27 -30.05 -3.08
CA VAL B 393 -5.76 -31.40 -3.38
C VAL B 393 -6.37 -32.10 -2.16
N ASN B 394 -5.86 -31.81 -0.97
CA ASN B 394 -6.38 -32.45 0.25
C ASN B 394 -7.56 -31.74 0.88
N GLY B 395 -7.93 -30.57 0.36
CA GLY B 395 -9.06 -29.81 0.89
C GLY B 395 -8.87 -29.40 2.34
N GLU B 396 -7.73 -28.77 2.62
CA GLU B 396 -7.40 -28.40 4.00
C GLU B 396 -6.36 -27.29 4.06
N TRP B 397 -6.21 -26.73 5.25
CA TRP B 397 -5.13 -25.79 5.51
C TRP B 397 -3.87 -26.61 5.71
N PRO B 398 -2.87 -26.45 4.83
CA PRO B 398 -1.67 -27.24 4.99
C PRO B 398 -0.71 -26.60 5.97
N SER B 399 0.24 -27.41 6.44
CA SER B 399 1.24 -26.96 7.36
C SER B 399 2.40 -26.40 6.56
N PRO B 400 2.77 -25.14 6.81
CA PRO B 400 3.82 -24.56 5.98
C PRO B 400 5.20 -25.15 6.29
N ALA B 401 6.05 -25.25 5.27
CA ALA B 401 7.48 -25.51 5.44
C ALA B 401 8.22 -24.18 5.67
N ALA B 402 9.50 -24.10 5.31
CA ALA B 402 10.29 -22.92 5.62
C ALA B 402 9.97 -21.77 4.68
N TYR B 403 9.99 -20.55 5.23
CA TYR B 403 9.61 -19.35 4.51
C TYR B 403 10.79 -18.68 3.81
N THR B 404 10.64 -18.42 2.52
CA THR B 404 11.61 -17.60 1.80
C THR B 404 11.40 -16.13 2.16
N GLU B 405 12.33 -15.29 1.71
CA GLU B 405 12.16 -13.84 1.88
C GLU B 405 10.91 -13.31 1.19
N GLU B 406 10.60 -13.83 0.00
CA GLU B 406 9.39 -13.40 -0.70
C GLU B 406 8.14 -13.74 0.13
N ASP B 407 8.11 -14.94 0.68
CA ASP B 407 7.04 -15.34 1.60
C ASP B 407 6.91 -14.34 2.74
N GLU B 408 8.05 -14.00 3.35
CA GLU B 408 8.06 -13.17 4.52
C GLU B 408 7.55 -11.77 4.19
N SER B 409 7.83 -11.30 2.97
CA SER B 409 7.37 -9.97 2.55
C SER B 409 5.85 -9.94 2.49
N LEU B 410 5.23 -10.98 1.95
CA LEU B 410 3.77 -11.06 1.90
C LEU B 410 3.17 -11.21 3.29
N ILE B 411 3.76 -12.09 4.08
CA ILE B 411 3.34 -12.30 5.46
C ILE B 411 3.36 -10.98 6.27
N GLN B 412 4.36 -10.15 6.04
CA GLN B 412 4.47 -8.88 6.74
C GLN B 412 3.30 -7.96 6.40
N LEU B 413 2.91 -7.95 5.12
CA LEU B 413 1.79 -7.13 4.67
C LEU B 413 0.50 -7.59 5.34
N ILE B 414 0.34 -8.90 5.47
CA ILE B 414 -0.84 -9.48 6.07
C ILE B 414 -0.88 -9.15 7.56
N LYS B 415 0.27 -9.23 8.22
CA LYS B 415 0.39 -8.88 9.63
C LYS B 415 0.13 -7.39 9.92
N ASP B 416 0.57 -6.52 9.03
CA ASP B 416 0.40 -5.07 9.22
C ASP B 416 -1.02 -4.60 8.92
N LEU B 417 -1.73 -5.35 8.10
CA LEU B 417 -3.03 -4.93 7.61
C LEU B 417 -4.06 -4.59 8.71
N PRO B 418 -4.24 -5.48 9.70
CA PRO B 418 -5.23 -5.13 10.73
C PRO B 418 -5.01 -3.76 11.40
N GLY B 419 -3.77 -3.46 11.79
CA GLY B 419 -3.47 -2.22 12.43
C GLY B 419 -3.71 -1.03 11.51
N THR B 420 -3.44 -1.19 10.23
CA THR B 420 -3.66 -0.13 9.24
C THR B 420 -5.16 0.07 9.02
N ALA B 421 -5.89 -1.01 8.80
CA ALA B 421 -7.32 -0.94 8.56
C ALA B 421 -8.05 -0.42 9.80
N ASP B 422 -7.61 -0.86 10.98
CA ASP B 422 -8.18 -0.40 12.23
C ASP B 422 -8.13 1.12 12.36
N HIS B 423 -6.97 1.72 12.11
CA HIS B 423 -6.87 3.17 12.16
C HIS B 423 -7.81 3.86 11.16
N TYR B 424 -7.92 3.32 9.95
CA TYR B 424 -8.80 3.93 8.94
C TYR B 424 -10.27 3.83 9.38
N TYR B 425 -10.65 2.69 9.93
CA TYR B 425 -12.02 2.50 10.38
C TYR B 425 -12.34 3.46 11.50
N LEU B 426 -11.35 3.81 12.32
CA LEU B 426 -11.59 4.65 13.46
C LEU B 426 -11.60 6.12 13.11
N ILE B 427 -11.11 6.50 11.93
CA ILE B 427 -11.06 7.92 11.55
C ILE B 427 -12.42 8.62 11.64
N PRO B 428 -13.48 8.11 10.99
CA PRO B 428 -13.50 6.92 10.14
C PRO B 428 -13.32 7.28 8.68
N ASP B 429 -12.68 6.40 7.93
CA ASP B 429 -12.51 6.58 6.49
C ASP B 429 -12.60 5.19 5.91
N ILE B 430 -13.83 4.79 5.59
CA ILE B 430 -14.11 3.45 5.15
C ILE B 430 -13.46 3.19 3.80
N GLN B 431 -13.46 4.20 2.93
CA GLN B 431 -12.84 4.09 1.63
C GLN B 431 -11.36 3.68 1.74
N LYS B 432 -10.59 4.36 2.59
CA LYS B 432 -9.19 4.02 2.77
C LYS B 432 -8.98 2.63 3.41
N ALA B 433 -9.91 2.20 4.25
CA ALA B 433 -9.86 0.86 4.84
C ALA B 433 -10.02 -0.19 3.75
N ILE B 434 -10.97 0.04 2.85
CA ILE B 434 -11.21 -0.89 1.76
C ILE B 434 -9.97 -0.96 0.88
N ILE B 435 -9.47 0.20 0.51
CA ILE B 435 -8.32 0.27 -0.39
C ILE B 435 -7.14 -0.46 0.23
N ALA B 436 -6.92 -0.28 1.52
CA ALA B 436 -5.81 -0.94 2.22
C ALA B 436 -5.96 -2.45 2.14
N VAL B 437 -7.17 -2.96 2.31
CA VAL B 437 -7.36 -4.41 2.24
C VAL B 437 -7.09 -4.90 0.83
N PHE B 438 -7.64 -4.20 -0.14
CA PHE B 438 -7.44 -4.62 -1.52
C PHE B 438 -5.98 -4.50 -2.00
N ASP B 439 -5.20 -3.59 -1.42
CA ASP B 439 -3.79 -3.54 -1.72
C ASP B 439 -3.15 -4.88 -1.36
N VAL B 440 -3.54 -5.42 -0.21
CA VAL B 440 -3.03 -6.70 0.24
C VAL B 440 -3.57 -7.83 -0.62
N LEU B 441 -4.83 -7.75 -1.04
CA LEU B 441 -5.40 -8.76 -1.94
C LEU B 441 -4.67 -8.82 -3.28
N ARG B 442 -4.35 -7.67 -3.83
CA ARG B 442 -3.57 -7.60 -5.07
C ARG B 442 -2.19 -8.22 -4.87
N ALA B 443 -1.56 -7.97 -3.72
CA ALA B 443 -0.22 -8.53 -3.45
C ALA B 443 -0.26 -10.05 -3.29
N ILE B 444 -1.34 -10.56 -2.73
CA ILE B 444 -1.49 -12.01 -2.59
C ILE B 444 -1.67 -12.64 -3.98
N ASN B 445 -2.51 -12.02 -4.81
CA ASN B 445 -2.67 -12.43 -6.21
C ASN B 445 -1.36 -12.46 -6.98
N ALA B 446 -0.55 -11.41 -6.81
CA ALA B 446 0.74 -11.34 -7.47
C ALA B 446 1.66 -12.47 -6.99
N TYR B 447 1.64 -12.73 -5.69
CA TYR B 447 2.44 -13.80 -5.10
C TYR B 447 2.03 -15.16 -5.66
N VAL B 448 0.73 -15.42 -5.72
CA VAL B 448 0.20 -16.66 -6.27
C VAL B 448 0.64 -16.86 -7.73
N THR B 449 0.56 -15.77 -8.51
CA THR B 449 1.01 -15.76 -9.90
C THR B 449 2.50 -16.04 -10.02
N ASP B 450 3.31 -15.41 -9.16
CA ASP B 450 4.75 -15.68 -9.16
C ASP B 450 5.08 -17.13 -8.77
N MET B 451 4.32 -17.71 -7.84
CA MET B 451 4.60 -19.05 -7.33
C MET B 451 3.97 -20.16 -8.16
N ALA B 452 2.98 -19.82 -9.00
CA ALA B 452 2.28 -20.81 -9.84
C ALA B 452 2.03 -22.14 -9.11
N PRO B 453 1.18 -22.11 -8.05
CA PRO B 453 0.97 -23.30 -7.22
C PRO B 453 0.38 -24.48 -7.98
N TRP B 454 -0.31 -24.20 -9.07
CA TRP B 454 -0.83 -25.24 -9.97
C TRP B 454 0.28 -26.12 -10.52
N LYS B 455 1.44 -25.53 -10.81
CA LYS B 455 2.59 -26.33 -11.22
C LYS B 455 3.22 -27.07 -10.04
N LEU B 456 3.27 -26.42 -8.88
CA LEU B 456 3.90 -27.00 -7.70
C LEU B 456 3.27 -28.34 -7.26
N VAL B 457 1.96 -28.52 -7.50
CA VAL B 457 1.28 -29.78 -7.12
C VAL B 457 2.06 -31.02 -7.59
N LYS B 458 2.52 -31.00 -8.83
CA LYS B 458 3.30 -32.10 -9.40
C LYS B 458 4.80 -31.95 -9.11
N THR B 459 5.29 -30.73 -9.12
CA THR B 459 6.73 -30.45 -9.08
C THR B 459 7.36 -30.43 -7.68
N ASP B 460 6.72 -29.75 -6.74
CA ASP B 460 7.28 -29.57 -5.39
C ASP B 460 6.16 -29.45 -4.35
N PRO B 461 5.65 -30.59 -3.87
CA PRO B 461 4.54 -30.56 -2.91
C PRO B 461 4.86 -29.88 -1.59
N GLU B 462 6.12 -29.97 -1.12
CA GLU B 462 6.52 -29.30 0.10
C GLU B 462 6.36 -27.79 -0.06
N ARG B 463 6.90 -27.26 -1.15
CA ARG B 463 6.80 -25.81 -1.40
C ARG B 463 5.34 -25.35 -1.50
N LEU B 464 4.51 -26.13 -2.17
CA LEU B 464 3.10 -25.80 -2.29
C LEU B 464 2.42 -25.64 -0.95
N ARG B 465 2.76 -26.50 0.02
CA ARG B 465 2.22 -26.36 1.37
C ARG B 465 2.39 -24.93 1.86
N THR B 466 3.61 -24.43 1.77
CA THR B 466 3.94 -23.12 2.28
C THR B 466 3.14 -22.04 1.56
N VAL B 467 3.09 -22.15 0.23
CA VAL B 467 2.44 -21.14 -0.60
C VAL B 467 0.95 -21.11 -0.35
N LEU B 468 0.37 -22.30 -0.26
CA LEU B 468 -1.05 -22.44 -0.07
C LEU B 468 -1.45 -21.90 1.30
N TYR B 469 -0.67 -22.24 2.33
CA TYR B 469 -0.99 -21.80 3.68
C TYR B 469 -1.00 -20.27 3.77
N ILE B 470 0.05 -19.65 3.28
CA ILE B 470 0.15 -18.18 3.29
C ILE B 470 -1.03 -17.54 2.56
N THR B 471 -1.40 -18.13 1.42
CA THR B 471 -2.49 -17.60 0.61
C THR B 471 -3.81 -17.67 1.36
N LEU B 472 -4.08 -18.85 1.91
CA LEU B 472 -5.30 -19.05 2.68
C LEU B 472 -5.38 -18.03 3.82
N GLU B 473 -4.27 -17.83 4.51
CA GLU B 473 -4.28 -16.97 5.68
C GLU B 473 -4.46 -15.52 5.27
N GLY B 474 -3.90 -15.16 4.12
CA GLY B 474 -4.09 -13.83 3.58
C GLY B 474 -5.56 -13.59 3.21
N VAL B 475 -6.20 -14.61 2.67
CA VAL B 475 -7.60 -14.47 2.31
C VAL B 475 -8.44 -14.37 3.57
N ARG B 476 -8.14 -15.17 4.59
CA ARG B 476 -8.88 -15.12 5.84
C ARG B 476 -8.83 -13.74 6.45
N VAL B 477 -7.64 -13.18 6.53
CA VAL B 477 -7.43 -11.94 7.24
C VAL B 477 -8.02 -10.76 6.47
N THR B 478 -7.84 -10.72 5.16
CA THR B 478 -8.43 -9.67 4.34
C THR B 478 -9.96 -9.74 4.43
N THR B 479 -10.49 -10.96 4.38
CA THR B 479 -11.94 -11.16 4.42
C THR B 479 -12.51 -10.73 5.78
N LEU B 480 -11.84 -11.10 6.86
CA LEU B 480 -12.24 -10.65 8.19
C LEU B 480 -12.41 -9.13 8.22
N LEU B 481 -11.39 -8.41 7.79
CA LEU B 481 -11.43 -6.95 7.77
C LEU B 481 -12.43 -6.37 6.77
N LEU B 482 -12.77 -7.13 5.73
CA LEU B 482 -13.84 -6.75 4.79
C LEU B 482 -15.24 -7.19 5.23
N SER B 483 -15.34 -8.00 6.27
CA SER B 483 -16.66 -8.50 6.67
C SER B 483 -17.68 -7.39 7.01
N PRO B 484 -17.23 -6.25 7.55
CA PRO B 484 -18.22 -5.17 7.73
C PRO B 484 -18.75 -4.59 6.41
N ILE B 485 -17.96 -4.71 5.35
CA ILE B 485 -18.34 -4.22 4.03
C ILE B 485 -19.20 -5.23 3.28
N LEU B 486 -18.79 -6.51 3.37
CA LEU B 486 -19.45 -7.60 2.68
C LEU B 486 -19.87 -8.61 3.72
N PRO B 487 -20.93 -8.30 4.48
CA PRO B 487 -21.31 -9.18 5.58
C PRO B 487 -21.77 -10.58 5.17
N ARG B 488 -22.50 -10.71 4.08
CA ARG B 488 -22.98 -12.02 3.64
C ARG B 488 -21.91 -12.80 2.89
N LYS B 489 -21.24 -12.12 1.97
CA LYS B 489 -20.19 -12.75 1.20
C LYS B 489 -19.02 -13.22 2.07
N SER B 490 -18.71 -12.48 3.14
CA SER B 490 -17.64 -12.87 4.05
C SER B 490 -17.92 -14.23 4.69
N VAL B 491 -19.19 -14.49 4.98
CA VAL B 491 -19.62 -15.74 5.57
C VAL B 491 -19.46 -16.87 4.57
N VAL B 492 -19.83 -16.61 3.31
CA VAL B 492 -19.64 -17.60 2.25
C VAL B 492 -18.16 -17.95 2.15
N ILE B 493 -17.32 -16.93 2.12
CA ILE B 493 -15.87 -17.13 2.01
C ILE B 493 -15.33 -17.93 3.18
N PHE B 494 -15.67 -17.54 4.40
CA PHE B 494 -15.24 -18.31 5.58
C PHE B 494 -15.70 -19.75 5.53
N ASP B 495 -16.91 -19.99 5.03
CA ASP B 495 -17.44 -21.35 4.88
C ASP B 495 -16.61 -22.17 3.91
N MET B 496 -16.26 -21.59 2.76
CA MET B 496 -15.36 -22.24 1.80
C MET B 496 -13.99 -22.59 2.41
N LEU B 497 -13.45 -21.66 3.20
CA LEU B 497 -12.16 -21.87 3.87
C LEU B 497 -12.23 -22.78 5.10
N GLY B 498 -13.44 -23.09 5.56
CA GLY B 498 -13.63 -23.89 6.77
C GLY B 498 -13.17 -23.22 8.05
N VAL B 499 -13.20 -21.89 8.08
CA VAL B 499 -12.83 -21.15 9.28
C VAL B 499 -13.91 -21.34 10.32
N PRO B 500 -13.57 -21.93 11.48
CA PRO B 500 -14.60 -22.09 12.51
C PRO B 500 -15.16 -20.74 12.96
N GLU B 501 -16.43 -20.77 13.38
CA GLU B 501 -17.14 -19.58 13.88
C GLU B 501 -16.34 -18.74 14.85
N VAL B 502 -15.74 -19.38 15.84
CA VAL B 502 -14.98 -18.69 16.87
C VAL B 502 -13.92 -17.78 16.24
N HIS B 503 -13.37 -18.17 15.09
CA HIS B 503 -12.30 -17.41 14.45
C HIS B 503 -12.78 -16.32 13.48
N ARG B 504 -14.09 -16.12 13.38
CA ARG B 504 -14.65 -15.13 12.45
C ARG B 504 -14.86 -13.77 13.08
N LYS B 505 -14.52 -13.64 14.37
CA LYS B 505 -14.63 -12.35 15.05
C LYS B 505 -13.63 -12.28 16.21
N GLY B 506 -13.36 -11.06 16.66
CA GLY B 506 -12.50 -10.85 17.81
C GLY B 506 -11.14 -10.38 17.37
N ILE B 507 -10.60 -9.43 18.12
CA ILE B 507 -9.32 -8.81 17.79
C ILE B 507 -8.19 -9.82 17.80
N GLU B 508 -8.29 -10.81 18.68
CA GLU B 508 -7.32 -11.88 18.76
C GLU B 508 -7.14 -12.61 17.41
N ASN B 509 -8.20 -12.68 16.59
CA ASN B 509 -8.13 -13.32 15.25
C ASN B 509 -7.67 -12.42 14.10
N PHE B 510 -7.36 -11.17 14.40
CA PHE B 510 -6.65 -10.31 13.46
C PHE B 510 -5.20 -10.81 13.28
N GLU B 511 -4.72 -11.63 14.20
CA GLU B 511 -3.32 -12.09 14.17
C GLU B 511 -3.09 -13.16 13.13
N PHE B 512 -1.98 -13.02 12.41
CA PHE B 512 -1.55 -14.03 11.44
C PHE B 512 -1.41 -15.35 12.18
N GLY B 513 -2.02 -16.41 11.64
CA GLY B 513 -1.80 -17.77 12.13
C GLY B 513 -2.87 -18.31 13.06
N ALA B 514 -4.01 -17.64 13.12
CA ALA B 514 -5.06 -17.98 14.09
C ALA B 514 -5.78 -19.29 13.78
N VAL B 515 -5.73 -19.73 12.53
CA VAL B 515 -6.40 -20.95 12.09
C VAL B 515 -5.34 -22.01 11.83
N PRO B 516 -5.37 -23.11 12.60
CA PRO B 516 -4.28 -24.09 12.54
C PRO B 516 -4.26 -24.93 11.27
N PRO B 517 -3.06 -25.32 10.83
CA PRO B 517 -2.98 -26.35 9.80
C PRO B 517 -3.75 -27.61 10.19
N GLY B 518 -4.35 -28.27 9.21
CA GLY B 518 -5.22 -29.43 9.46
C GLY B 518 -6.69 -29.08 9.41
N THR B 519 -7.01 -27.80 9.55
CA THR B 519 -8.38 -27.30 9.40
C THR B 519 -8.92 -27.69 8.02
N ARG B 520 -10.12 -28.24 7.98
CA ARG B 520 -10.69 -28.76 6.75
C ARG B 520 -11.46 -27.66 6.04
N LEU B 521 -11.31 -27.57 4.72
CA LEU B 521 -12.12 -26.64 3.93
C LEU B 521 -13.58 -27.04 3.98
N GLY B 522 -14.46 -26.09 3.68
CA GLY B 522 -15.87 -26.39 3.52
C GLY B 522 -16.09 -27.20 2.26
N PRO B 523 -17.25 -27.87 2.15
CA PRO B 523 -17.52 -28.65 0.95
C PRO B 523 -17.70 -27.74 -0.26
N ALA B 524 -17.36 -28.27 -1.43
CA ALA B 524 -17.47 -27.50 -2.67
C ALA B 524 -18.87 -27.68 -3.24
N VAL B 525 -19.35 -26.65 -3.92
CA VAL B 525 -20.62 -26.69 -4.63
C VAL B 525 -20.33 -26.65 -6.14
N GLU B 526 -20.84 -27.64 -6.88
CA GLU B 526 -20.52 -27.82 -8.29
C GLU B 526 -21.04 -26.69 -9.19
N GLY B 527 -20.14 -25.81 -9.60
CA GLY B 527 -20.48 -24.67 -10.46
C GLY B 527 -20.81 -23.38 -9.70
N GLU B 528 -20.31 -23.27 -8.48
CA GLU B 528 -20.65 -22.14 -7.61
C GLU B 528 -19.69 -20.97 -7.83
N VAL B 529 -20.23 -19.76 -7.87
CA VAL B 529 -19.42 -18.54 -8.02
C VAL B 529 -19.74 -17.56 -6.89
N LEU B 530 -18.71 -16.87 -6.43
CA LEU B 530 -18.83 -15.93 -5.33
C LEU B 530 -19.43 -14.61 -5.83
N PHE B 531 -18.81 -14.05 -6.86
CA PHE B 531 -19.32 -12.87 -7.55
C PHE B 531 -19.33 -13.17 -9.04
N SER B 532 -20.51 -13.13 -9.65
CA SER B 532 -20.63 -13.40 -11.07
C SER B 532 -20.41 -12.12 -11.86
N LYS B 533 -19.50 -12.16 -12.82
CA LYS B 533 -19.18 -10.98 -13.63
C LYS B 533 -20.36 -10.66 -14.55
N ARG B 534 -20.61 -9.37 -14.75
CA ARG B 534 -21.74 -8.92 -15.54
C ARG B 534 -21.26 -8.38 -16.88
N SER B 535 -22.18 -8.33 -17.83
CA SER B 535 -21.87 -8.01 -19.23
C SER B 535 -21.23 -6.63 -19.39
N THR B 536 -20.16 -6.60 -20.19
CA THR B 536 -19.32 -5.40 -20.32
C THR B 536 -19.99 -4.28 -21.12
#